data_4IZG
#
_entry.id   4IZG
#
_cell.length_a   117.463
_cell.length_b   117.463
_cell.length_c   111.049
_cell.angle_alpha   90.00
_cell.angle_beta   90.00
_cell.angle_gamma   90.00
#
_symmetry.space_group_name_H-M   'P 4 21 2'
#
loop_
_entity.id
_entity.type
_entity.pdbx_description
1 polymer 'Mandelate racemase/muconate lactonizing enzyme, N-terminal domain protein'
2 non-polymer 'IODIDE ION'
3 non-polymer 'MAGNESIUM ION'
4 non-polymer (2S,4S)-2-carboxy-4-hydroxy-1,1-dimethylpyrrolidinium
5 water water
#
_entity_poly.entity_id   1
_entity_poly.type   'polypeptide(L)'
_entity_poly.pdbx_seq_one_letter_code
;MHHHHHHSSGVDLGTENLYFQSMKIAEIHVYAHDLPVKDGPYTIASSTVWSLQTTLVKIVADSGLAGWGETCPVGPTYAP
SHALGARAALAEMAPGLIGANPLQPLVLRRRMDGLLCGHNYAKAAIDIAAYDLMGKHYGVRVADLLGGVAAERVPSYYAT
GIGQPDEIARIAAEKVAEGFPRLQIKIGGRPVEIDIETVRKVWERIRGTGTRLAVDGNRSLPSRDALRLSRECPEIPFVL
EQPCNTLEEIAAIRGRVQHGIYLDESGEDLSTVIRAAGQGLCDGFGMKLTRIGGLQQMAAFRDICEARALPHSCDDAWGG
DIIAAACTHIGATVQPRLNEGVWVAQPYIAQPYDEENGIRIAGGHIDLPKGPGLGITPDESLFGPPVASFS
;
_entity_poly.pdbx_strand_id   A,B
#
# COMPACT_ATOMS: atom_id res chain seq x y z
N MET A 23 15.91 -12.21 -14.29
CA MET A 23 16.93 -12.42 -13.26
C MET A 23 16.47 -13.48 -12.24
N LYS A 24 17.41 -14.19 -11.64
CA LYS A 24 17.06 -15.22 -10.66
C LYS A 24 18.03 -15.27 -9.49
N ILE A 25 17.53 -15.59 -8.30
CA ILE A 25 18.41 -15.82 -7.16
C ILE A 25 19.25 -17.07 -7.39
N ALA A 26 20.58 -16.93 -7.32
CA ALA A 26 21.47 -18.09 -7.47
C ALA A 26 21.93 -18.65 -6.12
N GLU A 27 22.27 -17.76 -5.18
CA GLU A 27 22.75 -18.18 -3.87
C GLU A 27 22.11 -17.35 -2.75
N ILE A 28 21.96 -17.94 -1.57
CA ILE A 28 21.61 -17.18 -0.39
C ILE A 28 22.60 -17.52 0.71
N HIS A 29 23.18 -16.50 1.34
CA HIS A 29 24.15 -16.73 2.42
C HIS A 29 23.68 -16.06 3.69
N VAL A 30 23.76 -16.78 4.80
CA VAL A 30 23.33 -16.26 6.10
C VAL A 30 24.56 -16.08 6.99
N TYR A 31 24.66 -14.92 7.63
CA TYR A 31 25.80 -14.61 8.50
C TYR A 31 25.35 -14.31 9.93
N ALA A 32 26.19 -14.66 10.90
CA ALA A 32 25.95 -14.30 12.31
C ALA A 32 27.05 -13.36 12.76
N HIS A 33 26.68 -12.31 13.48
CA HIS A 33 27.62 -11.25 13.83
C HIS A 33 27.22 -10.61 15.16
N ASP A 34 28.20 -10.34 16.03
CA ASP A 34 27.89 -9.79 17.35
C ASP A 34 27.99 -8.27 17.39
N LEU A 35 27.07 -7.64 18.13
CA LEU A 35 27.07 -6.18 18.29
C LEU A 35 27.05 -5.78 19.76
N PRO A 36 28.24 -5.63 20.37
CA PRO A 36 28.33 -5.19 21.76
C PRO A 36 27.70 -3.82 21.97
N VAL A 37 26.90 -3.65 23.02
CA VAL A 37 26.28 -2.35 23.31
C VAL A 37 27.31 -1.40 23.91
N LYS A 38 27.58 -0.29 23.22
CA LYS A 38 28.50 0.71 23.75
C LYS A 38 27.98 1.26 25.08
N ASP A 39 28.83 1.24 26.09
CA ASP A 39 28.49 1.75 27.41
C ASP A 39 27.19 1.15 27.92
N GLY A 40 27.09 -0.17 27.80
CA GLY A 40 25.86 -0.89 28.08
C GLY A 40 25.48 -0.93 29.55
N PRO A 41 24.32 -1.54 29.85
CA PRO A 41 23.42 -2.11 28.86
C PRO A 41 22.31 -1.14 28.42
N TYR A 42 21.39 -1.61 27.59
CA TYR A 42 20.23 -0.81 27.20
C TYR A 42 18.98 -1.43 27.82
N THR A 43 18.24 -0.62 28.58
CA THR A 43 17.14 -1.13 29.40
C THR A 43 15.73 -0.75 28.93
N ILE A 44 15.01 -1.75 28.45
CA ILE A 44 13.61 -1.61 28.09
C ILE A 44 12.84 -2.36 29.16
N ALA A 45 11.62 -1.93 29.48
CA ALA A 45 10.84 -2.61 30.51
C ALA A 45 10.68 -4.11 30.22
N SER A 46 10.74 -4.46 28.94
CA SER A 46 10.55 -5.85 28.51
C SER A 46 11.86 -6.56 28.11
N SER A 47 12.97 -5.83 28.05
CA SER A 47 14.25 -6.42 27.64
C SER A 47 15.45 -5.56 28.02
N THR A 48 16.38 -6.14 28.79
CA THR A 48 17.66 -5.48 29.07
C THR A 48 18.74 -6.21 28.28
N VAL A 49 19.53 -5.46 27.52
CA VAL A 49 20.50 -6.08 26.60
C VAL A 49 21.93 -5.54 26.74
N TRP A 50 22.89 -6.46 26.72
CA TRP A 50 24.31 -6.11 26.82
C TRP A 50 25.04 -6.26 25.48
N SER A 51 24.62 -7.24 24.69
CA SER A 51 25.23 -7.48 23.36
C SER A 51 24.20 -8.13 22.45
N LEU A 52 24.08 -7.63 21.22
CA LEU A 52 23.03 -8.10 20.32
C LEU A 52 23.59 -9.02 19.22
N GLN A 53 22.83 -10.06 18.89
CA GLN A 53 23.24 -11.01 17.86
C GLN A 53 22.49 -10.71 16.55
N THR A 54 23.18 -10.06 15.62
CA THR A 54 22.52 -9.74 14.34
C THR A 54 22.71 -10.87 13.33
N THR A 55 21.77 -10.94 12.38
CA THR A 55 21.80 -11.92 11.33
C THR A 55 21.76 -11.18 10.00
N LEU A 56 22.79 -11.39 9.17
CA LEU A 56 22.84 -10.75 7.86
C LEU A 56 22.54 -11.79 6.77
N VAL A 57 21.92 -11.33 5.68
CA VAL A 57 21.62 -12.19 4.55
C VAL A 57 22.15 -11.56 3.27
N LYS A 58 22.88 -12.34 2.46
CA LYS A 58 23.34 -11.85 1.18
C LYS A 58 22.65 -12.70 0.11
N ILE A 59 21.96 -12.04 -0.81
CA ILE A 59 21.34 -12.74 -1.94
C ILE A 59 22.18 -12.46 -3.16
N VAL A 60 22.56 -13.52 -3.88
CA VAL A 60 23.36 -13.36 -5.08
C VAL A 60 22.58 -13.83 -6.29
N ALA A 61 22.46 -12.95 -7.29
CA ALA A 61 21.79 -13.28 -8.55
C ALA A 61 22.67 -14.13 -9.46
N ASP A 62 22.07 -14.71 -10.49
CA ASP A 62 22.83 -15.47 -11.49
C ASP A 62 23.97 -14.66 -12.06
N SER A 63 23.76 -13.35 -12.18
CA SER A 63 24.75 -12.46 -12.77
C SER A 63 25.92 -12.16 -11.84
N GLY A 64 25.73 -12.45 -10.55
CA GLY A 64 26.76 -12.17 -9.56
C GLY A 64 26.47 -10.92 -8.74
N LEU A 65 25.49 -10.14 -9.19
CA LEU A 65 25.06 -8.96 -8.44
C LEU A 65 24.47 -9.42 -7.11
N ALA A 66 24.79 -8.71 -6.03
CA ALA A 66 24.33 -9.12 -4.70
C ALA A 66 23.54 -8.02 -3.98
N GLY A 67 22.58 -8.44 -3.15
CA GLY A 67 21.87 -7.53 -2.27
C GLY A 67 21.95 -7.99 -0.83
N TRP A 68 21.89 -7.06 0.12
CA TRP A 68 22.02 -7.36 1.54
C TRP A 68 20.78 -7.03 2.38
N GLY A 69 20.48 -7.91 3.34
CA GLY A 69 19.42 -7.70 4.33
C GLY A 69 19.94 -7.97 5.73
N GLU A 70 19.15 -7.61 6.75
CA GLU A 70 19.57 -7.76 8.15
C GLU A 70 18.36 -7.84 9.06
N THR A 71 18.44 -8.67 10.10
CA THR A 71 17.42 -8.68 11.14
C THR A 71 18.08 -8.92 12.49
N CYS A 72 17.73 -8.11 13.48
CA CYS A 72 18.42 -8.15 14.77
C CYS A 72 17.45 -7.87 15.92
N PRO A 73 16.82 -8.94 16.44
CA PRO A 73 15.93 -8.77 17.59
C PRO A 73 16.67 -8.13 18.76
N VAL A 74 15.97 -7.28 19.52
CA VAL A 74 16.60 -6.57 20.61
C VAL A 74 16.47 -7.39 21.90
N GLY A 75 17.21 -8.49 21.93
CA GLY A 75 17.08 -9.49 22.98
C GLY A 75 15.90 -10.40 22.69
N PRO A 76 15.85 -11.56 23.34
CA PRO A 76 14.84 -12.58 23.04
C PRO A 76 13.49 -12.40 23.74
N THR A 77 13.35 -11.39 24.59
CA THR A 77 12.08 -11.20 25.31
C THR A 77 11.28 -9.95 24.89
N TYR A 78 11.81 -9.16 23.95
CA TYR A 78 11.09 -7.94 23.53
C TYR A 78 9.87 -8.26 22.67
N ALA A 79 10.03 -9.23 21.78
CA ALA A 79 9.02 -9.59 20.79
C ALA A 79 9.16 -11.09 20.51
N PRO A 80 8.15 -11.70 19.86
CA PRO A 80 8.27 -13.13 19.55
C PRO A 80 9.26 -13.40 18.42
N SER A 81 10.52 -13.12 18.72
CA SER A 81 11.60 -13.17 17.74
C SER A 81 12.91 -13.27 18.48
N HIS A 82 13.87 -14.00 17.89
CA HIS A 82 15.21 -14.13 18.47
C HIS A 82 16.23 -14.54 17.41
N ALA A 83 17.50 -14.34 17.70
CA ALA A 83 18.54 -14.56 16.69
C ALA A 83 18.60 -16.00 16.19
N LEU A 84 18.55 -16.98 17.10
CA LEU A 84 18.54 -18.38 16.69
C LEU A 84 17.30 -18.69 15.84
N GLY A 85 16.20 -18.02 16.18
CA GLY A 85 14.95 -18.16 15.44
C GLY A 85 15.02 -17.52 14.06
N ALA A 86 15.72 -16.40 13.94
CA ALA A 86 15.91 -15.80 12.63
C ALA A 86 16.66 -16.75 11.70
N ARG A 87 17.72 -17.35 12.19
CA ARG A 87 18.53 -18.23 11.35
C ARG A 87 17.80 -19.53 11.04
N ALA A 88 16.98 -20.01 11.97
CA ALA A 88 16.22 -21.23 11.70
C ALA A 88 15.16 -20.99 10.63
N ALA A 89 14.54 -19.81 10.67
CA ALA A 89 13.51 -19.46 9.69
C ALA A 89 14.11 -19.28 8.31
N LEU A 90 15.26 -18.61 8.26
CA LEU A 90 15.98 -18.46 6.99
C LEU A 90 16.45 -19.79 6.44
N ALA A 91 16.90 -20.69 7.30
CA ALA A 91 17.31 -22.02 6.85
C ALA A 91 16.13 -22.78 6.29
N GLU A 92 14.95 -22.57 6.88
CA GLU A 92 13.77 -23.24 6.38
C GLU A 92 13.38 -22.72 5.01
N MET A 93 13.43 -21.40 4.83
CA MET A 93 12.95 -20.78 3.59
C MET A 93 13.94 -20.79 2.44
N ALA A 94 15.22 -20.66 2.74
CA ALA A 94 16.21 -20.40 1.68
C ALA A 94 16.21 -21.41 0.51
N PRO A 95 16.19 -22.72 0.80
CA PRO A 95 16.22 -23.65 -0.34
C PRO A 95 15.03 -23.45 -1.29
N GLY A 96 13.89 -23.05 -0.75
CA GLY A 96 12.69 -22.82 -1.55
C GLY A 96 12.68 -21.50 -2.32
N LEU A 97 13.70 -20.68 -2.13
CA LEU A 97 13.78 -19.37 -2.78
C LEU A 97 14.83 -19.34 -3.90
N ILE A 98 15.65 -20.38 -3.99
CA ILE A 98 16.61 -20.46 -5.08
C ILE A 98 15.85 -20.53 -6.40
N GLY A 99 16.20 -19.66 -7.34
CA GLY A 99 15.52 -19.59 -8.63
C GLY A 99 14.45 -18.53 -8.74
N ALA A 100 14.06 -17.95 -7.61
CA ALA A 100 13.03 -16.91 -7.59
C ALA A 100 13.52 -15.64 -8.24
N ASN A 101 12.58 -14.84 -8.75
CA ASN A 101 12.89 -13.53 -9.32
C ASN A 101 12.89 -12.47 -8.21
N PRO A 102 14.07 -11.93 -7.89
CA PRO A 102 14.18 -10.98 -6.78
C PRO A 102 13.74 -9.57 -7.15
N LEU A 103 13.34 -9.36 -8.39
CA LEU A 103 12.88 -8.05 -8.84
C LEU A 103 11.36 -7.85 -8.65
N GLN A 104 10.72 -8.84 -8.03
CA GLN A 104 9.27 -8.79 -7.76
C GLN A 104 8.98 -8.99 -6.28
N PRO A 105 9.00 -7.89 -5.51
CA PRO A 105 8.91 -8.03 -4.04
C PRO A 105 7.61 -8.65 -3.54
N LEU A 106 6.48 -8.40 -4.20
CA LEU A 106 5.22 -8.96 -3.73
C LEU A 106 5.11 -10.45 -4.06
N VAL A 107 5.51 -10.81 -5.28
CA VAL A 107 5.57 -12.22 -5.69
C VAL A 107 6.52 -12.97 -4.76
N LEU A 108 7.67 -12.36 -4.49
CA LEU A 108 8.66 -12.96 -3.60
C LEU A 108 8.10 -13.15 -2.20
N ARG A 109 7.34 -12.17 -1.71
CA ARG A 109 6.78 -12.29 -0.36
C ARG A 109 5.78 -13.46 -0.29
N ARG A 110 4.92 -13.57 -1.29
CA ARG A 110 3.98 -14.70 -1.34
C ARG A 110 4.72 -16.02 -1.41
N ARG A 111 5.85 -16.03 -2.12
CA ARG A 111 6.65 -17.25 -2.21
C ARG A 111 7.15 -17.64 -0.83
N MET A 112 7.62 -16.66 -0.06
CA MET A 112 8.06 -16.93 1.31
C MET A 112 6.90 -17.43 2.18
N ASP A 113 5.71 -16.84 2.01
CA ASP A 113 4.54 -17.25 2.78
C ASP A 113 4.19 -18.70 2.47
N GLY A 114 4.50 -19.13 1.26
CA GLY A 114 4.23 -20.50 0.83
C GLY A 114 5.22 -21.50 1.40
N LEU A 115 6.25 -21.01 2.09
CA LEU A 115 7.31 -21.84 2.65
C LEU A 115 7.30 -21.84 4.18
N LEU A 116 6.76 -20.77 4.76
CA LEU A 116 6.77 -20.62 6.22
C LEU A 116 5.73 -19.59 6.63
N CYS A 117 4.87 -19.96 7.58
CA CYS A 117 3.85 -19.07 8.10
C CYS A 117 4.47 -18.14 9.14
N GLY A 118 4.12 -16.85 9.07
CA GLY A 118 4.57 -15.89 10.07
C GLY A 118 6.06 -15.60 9.93
N HIS A 119 6.71 -15.40 11.06
CA HIS A 119 8.16 -15.14 11.07
C HIS A 119 8.53 -13.94 10.20
N ASN A 120 7.74 -12.87 10.30
CA ASN A 120 7.99 -11.65 9.53
C ASN A 120 9.42 -11.12 9.70
N TYR A 121 9.95 -11.23 10.92
CA TYR A 121 11.26 -10.66 11.19
C TYR A 121 12.37 -11.32 10.39
N ALA A 122 12.14 -12.57 9.99
CA ALA A 122 13.11 -13.28 9.14
C ALA A 122 12.84 -13.00 7.66
N LYS A 123 11.56 -13.09 7.26
CA LYS A 123 11.18 -12.72 5.90
C LYS A 123 11.68 -11.34 5.54
N ALA A 124 11.67 -10.41 6.50
CA ALA A 124 12.10 -9.04 6.22
C ALA A 124 13.52 -8.94 5.71
N ALA A 125 14.41 -9.80 6.20
CA ALA A 125 15.80 -9.81 5.76
C ALA A 125 15.92 -10.16 4.27
N ILE A 126 15.08 -11.06 3.81
CA ILE A 126 15.07 -11.45 2.39
C ILE A 126 14.46 -10.33 1.54
N ASP A 127 13.33 -9.80 2.02
CA ASP A 127 12.67 -8.64 1.40
C ASP A 127 13.69 -7.49 1.19
N ILE A 128 14.47 -7.19 2.21
CA ILE A 128 15.36 -6.04 2.14
C ILE A 128 16.52 -6.29 1.18
N ALA A 129 17.08 -7.50 1.22
CA ALA A 129 18.15 -7.85 0.29
C ALA A 129 17.67 -7.78 -1.16
N ALA A 130 16.43 -8.19 -1.38
CA ALA A 130 15.87 -8.14 -2.73
C ALA A 130 15.67 -6.70 -3.22
N TYR A 131 15.17 -5.81 -2.36
CA TYR A 131 15.06 -4.40 -2.75
C TYR A 131 16.45 -3.81 -3.02
N ASP A 132 17.45 -4.18 -2.22
CA ASP A 132 18.82 -3.70 -2.42
C ASP A 132 19.27 -4.12 -3.82
N LEU A 133 19.13 -5.40 -4.11
CA LEU A 133 19.51 -5.94 -5.42
C LEU A 133 18.75 -5.24 -6.56
N MET A 134 17.43 -5.07 -6.41
CA MET A 134 16.61 -4.39 -7.41
C MET A 134 17.14 -3.01 -7.71
N GLY A 135 17.47 -2.28 -6.65
CA GLY A 135 17.94 -0.92 -6.80
C GLY A 135 19.27 -0.90 -7.52
N LYS A 136 20.14 -1.83 -7.18
CA LYS A 136 21.43 -1.92 -7.89
C LYS A 136 21.25 -2.26 -9.36
N HIS A 137 20.33 -3.16 -9.65
CA HIS A 137 20.08 -3.60 -11.02
C HIS A 137 19.52 -2.48 -11.90
N TYR A 138 18.59 -1.70 -11.35
CA TYR A 138 17.97 -0.62 -12.13
C TYR A 138 18.72 0.71 -12.03
N GLY A 139 19.63 0.80 -11.07
CA GLY A 139 20.40 2.02 -10.87
C GLY A 139 19.60 3.08 -10.12
N VAL A 140 18.79 2.64 -9.17
CA VAL A 140 17.85 3.52 -8.47
C VAL A 140 17.98 3.30 -6.96
N ARG A 141 17.77 4.36 -6.18
CA ARG A 141 17.76 4.26 -4.71
C ARG A 141 16.49 3.55 -4.25
N VAL A 142 16.59 2.77 -3.18
CA VAL A 142 15.43 2.03 -2.68
C VAL A 142 14.23 2.95 -2.41
N ALA A 143 14.47 4.13 -1.84
CA ALA A 143 13.37 5.06 -1.57
C ALA A 143 12.63 5.42 -2.87
N ASP A 144 13.35 5.45 -3.99
CA ASP A 144 12.72 5.75 -5.29
C ASP A 144 12.03 4.53 -5.91
N LEU A 145 12.21 3.36 -5.31
CA LEU A 145 11.42 2.19 -5.68
C LEU A 145 10.16 2.11 -4.81
N LEU A 146 10.08 2.96 -3.79
CA LEU A 146 8.97 2.93 -2.84
C LEU A 146 8.10 4.19 -2.93
N GLY A 147 8.14 4.87 -4.07
CA GLY A 147 7.29 6.03 -4.28
C GLY A 147 8.06 7.33 -4.48
N GLY A 148 9.29 7.40 -4.00
CA GLY A 148 10.17 8.53 -4.23
C GLY A 148 10.62 9.27 -2.99
N VAL A 149 11.79 9.91 -3.08
CA VAL A 149 12.36 10.66 -1.96
C VAL A 149 11.59 11.95 -1.67
N ALA A 150 10.99 12.03 -0.48
CA ALA A 150 10.27 13.23 -0.08
C ALA A 150 11.20 14.14 0.71
N ALA A 151 12.27 13.56 1.25
CA ALA A 151 13.23 14.32 2.05
C ALA A 151 14.59 13.63 2.05
N GLU A 152 15.64 14.38 1.71
CA GLU A 152 17.00 13.83 1.76
C GLU A 152 17.54 13.70 3.18
N ARG A 153 17.07 14.56 4.08
CA ARG A 153 17.53 14.55 5.46
C ARG A 153 16.36 14.14 6.34
N VAL A 154 16.47 12.96 6.95
CA VAL A 154 15.38 12.35 7.68
C VAL A 154 15.56 12.62 9.18
N PRO A 155 14.48 13.03 9.87
CA PRO A 155 14.62 13.20 11.32
C PRO A 155 14.80 11.87 12.05
N SER A 156 15.52 11.89 13.15
CA SER A 156 15.58 10.71 14.03
C SER A 156 14.92 11.10 15.35
N TYR A 157 14.92 10.15 16.28
CA TYR A 157 14.52 10.46 17.65
C TYR A 157 15.40 9.70 18.61
N TYR A 158 15.59 10.24 19.81
CA TYR A 158 16.42 9.57 20.80
C TYR A 158 15.56 8.88 21.84
N ALA A 159 15.87 7.61 22.13
CA ALA A 159 15.09 6.89 23.14
C ALA A 159 15.95 6.62 24.36
N THR A 160 15.55 7.18 25.49
CA THR A 160 16.29 6.96 26.72
C THR A 160 16.00 5.58 27.28
N GLY A 161 16.98 4.99 27.96
CA GLY A 161 16.72 3.77 28.68
C GLY A 161 16.04 4.12 29.99
N ILE A 162 15.58 3.11 30.72
CA ILE A 162 15.02 3.35 32.05
C ILE A 162 16.16 3.68 33.01
N GLY A 163 15.95 4.69 33.86
CA GLY A 163 16.97 5.10 34.80
C GLY A 163 16.40 6.07 35.82
N GLN A 164 17.27 6.72 36.60
CA GLN A 164 16.81 7.65 37.65
C GLN A 164 16.30 8.95 37.04
N PRO A 165 15.21 9.50 37.61
CA PRO A 165 14.55 10.69 37.04
C PRO A 165 15.50 11.86 36.71
N ASP A 166 16.36 12.25 37.63
CA ASP A 166 17.27 13.36 37.35
C ASP A 166 18.28 13.00 36.25
N GLU A 167 18.72 11.75 36.25
CA GLU A 167 19.67 11.24 35.27
C GLU A 167 19.07 11.28 33.85
N ILE A 168 17.85 10.77 33.73
CA ILE A 168 17.13 10.79 32.46
C ILE A 168 16.83 12.21 31.98
N ALA A 169 16.43 13.09 32.89
CA ALA A 169 16.17 14.48 32.52
C ALA A 169 17.42 15.18 31.94
N ARG A 170 18.60 14.88 32.50
CA ARG A 170 19.86 15.41 31.95
C ARG A 170 20.14 14.93 30.53
N ILE A 171 20.02 13.63 30.32
CA ILE A 171 20.24 13.05 29.01
C ILE A 171 19.26 13.64 28.01
N ALA A 172 18.00 13.80 28.42
CA ALA A 172 17.00 14.44 27.57
C ALA A 172 17.45 15.82 27.10
N ALA A 173 17.93 16.64 28.03
CA ALA A 173 18.40 17.98 27.68
C ALA A 173 19.60 17.93 26.74
N GLU A 174 20.52 17.00 27.02
CA GLU A 174 21.73 16.85 26.21
C GLU A 174 21.39 16.45 24.78
N LYS A 175 20.44 15.52 24.62
CA LYS A 175 20.08 15.04 23.30
C LYS A 175 19.26 16.06 22.49
N VAL A 176 18.46 16.86 23.19
CA VAL A 176 17.79 17.96 22.52
C VAL A 176 18.82 18.93 21.93
N ALA A 177 19.86 19.23 22.70
CA ALA A 177 20.92 20.13 22.24
C ALA A 177 21.65 19.58 21.03
N GLU A 178 21.78 18.26 20.97
CA GLU A 178 22.47 17.62 19.85
C GLU A 178 21.65 17.69 18.56
N GLY A 179 20.37 18.04 18.67
CA GLY A 179 19.55 18.25 17.49
C GLY A 179 18.33 17.35 17.29
N PHE A 180 18.17 16.33 18.12
CA PHE A 180 17.02 15.44 18.00
C PHE A 180 15.70 16.19 18.17
N PRO A 181 14.81 16.09 17.17
CA PRO A 181 13.55 16.83 17.24
C PRO A 181 12.47 16.14 18.07
N ARG A 182 12.76 14.96 18.60
CA ARG A 182 11.78 14.16 19.35
C ARG A 182 12.53 13.27 20.34
N LEU A 183 11.96 13.11 21.54
CA LEU A 183 12.52 12.22 22.54
C LEU A 183 11.47 11.20 22.92
N GLN A 184 11.93 9.97 23.14
CA GLN A 184 11.09 8.91 23.68
C GLN A 184 11.67 8.50 25.02
N ILE A 185 10.85 8.55 26.06
CA ILE A 185 11.25 8.18 27.41
C ILE A 185 10.68 6.82 27.74
N LYS A 186 11.55 5.87 28.05
CA LYS A 186 11.06 4.54 28.44
C LYS A 186 10.71 4.50 29.91
N ILE A 187 9.56 3.90 30.22
CA ILE A 187 9.10 3.75 31.59
C ILE A 187 8.62 2.33 31.85
N GLY A 188 8.23 2.04 33.10
CA GLY A 188 7.67 0.75 33.46
C GLY A 188 8.59 -0.13 34.28
N GLY A 189 8.05 -1.21 34.82
CA GLY A 189 8.86 -2.19 35.54
C GLY A 189 9.23 -1.76 36.95
N ARG A 190 8.53 -0.77 37.46
CA ARG A 190 8.80 -0.20 38.78
C ARG A 190 7.55 0.61 39.16
N PRO A 191 7.46 1.07 40.42
CA PRO A 191 6.28 1.88 40.78
C PRO A 191 6.07 3.09 39.86
N VAL A 192 4.83 3.27 39.40
CA VAL A 192 4.54 4.28 38.38
C VAL A 192 4.82 5.72 38.84
N GLU A 193 4.83 5.97 40.15
CA GLU A 193 5.15 7.31 40.65
C GLU A 193 6.56 7.74 40.23
N ILE A 194 7.47 6.77 40.09
CA ILE A 194 8.83 7.08 39.63
C ILE A 194 8.81 7.41 38.14
N ASP A 195 7.99 6.70 37.37
CA ASP A 195 7.79 7.02 35.95
C ASP A 195 7.22 8.43 35.78
N ILE A 196 6.22 8.78 36.59
CA ILE A 196 5.59 10.10 36.52
C ILE A 196 6.58 11.20 36.88
N GLU A 197 7.39 10.96 37.91
CA GLU A 197 8.43 11.91 38.30
C GLU A 197 9.42 12.13 37.15
N THR A 198 9.83 11.03 36.50
CA THR A 198 10.73 11.11 35.34
C THR A 198 10.14 11.97 34.23
N VAL A 199 8.89 11.72 33.88
CA VAL A 199 8.22 12.47 32.83
C VAL A 199 8.13 13.96 33.16
N ARG A 200 7.81 14.27 34.41
CA ARG A 200 7.74 15.67 34.83
C ARG A 200 9.11 16.35 34.76
N LYS A 201 10.15 15.65 35.20
CA LYS A 201 11.47 16.26 35.21
C LYS A 201 12.03 16.42 33.79
N VAL A 202 11.73 15.47 32.92
CA VAL A 202 12.12 15.60 31.52
C VAL A 202 11.41 16.79 30.89
N TRP A 203 10.11 16.91 31.16
CA TRP A 203 9.34 18.01 30.57
C TRP A 203 9.88 19.36 31.02
N GLU A 204 10.34 19.43 32.27
CA GLU A 204 10.92 20.66 32.78
C GLU A 204 12.13 21.10 31.96
N ARG A 205 12.92 20.13 31.51
CA ARG A 205 14.11 20.41 30.72
C ARG A 205 13.82 20.78 29.27
N ILE A 206 12.82 20.15 28.68
CA ILE A 206 12.64 20.28 27.25
C ILE A 206 11.48 21.16 26.81
N ARG A 207 10.64 21.60 27.74
CA ARG A 207 9.55 22.49 27.37
C ARG A 207 10.12 23.78 26.79
N GLY A 208 9.48 24.28 25.73
CA GLY A 208 9.95 25.49 25.09
C GLY A 208 11.04 25.29 24.06
N THR A 209 11.46 24.04 23.82
CA THR A 209 12.50 23.78 22.83
C THR A 209 11.92 23.27 21.51
N GLY A 210 10.60 23.12 21.46
CA GLY A 210 9.94 22.63 20.26
C GLY A 210 10.10 21.13 20.05
N THR A 211 10.59 20.43 21.07
CA THR A 211 10.86 19.00 21.00
C THR A 211 9.58 18.21 21.30
N ARG A 212 9.28 17.21 20.47
CA ARG A 212 8.12 16.35 20.69
C ARG A 212 8.46 15.25 21.68
N LEU A 213 7.46 14.80 22.42
CA LEU A 213 7.68 13.84 23.49
C LEU A 213 6.83 12.59 23.35
N ALA A 214 7.48 11.43 23.50
CA ALA A 214 6.76 10.15 23.56
C ALA A 214 7.17 9.49 24.87
N VAL A 215 6.22 8.79 25.49
CA VAL A 215 6.50 8.04 26.72
C VAL A 215 6.14 6.59 26.45
N ASP A 216 7.13 5.68 26.56
CA ASP A 216 6.93 4.31 26.09
C ASP A 216 6.85 3.35 27.27
N GLY A 217 5.68 2.74 27.46
CA GLY A 217 5.48 1.79 28.54
C GLY A 217 5.94 0.39 28.22
N ASN A 218 6.29 0.16 26.96
CA ASN A 218 6.74 -1.15 26.47
C ASN A 218 5.97 -2.36 27.04
N ARG A 219 4.64 -2.31 26.92
CA ARG A 219 3.75 -3.41 27.30
C ARG A 219 3.66 -3.65 28.80
N SER A 220 4.21 -2.76 29.61
CA SER A 220 4.45 -3.10 31.02
C SER A 220 3.46 -2.53 32.04
N LEU A 221 2.61 -1.59 31.63
CA LEU A 221 1.68 -0.95 32.58
C LEU A 221 0.34 -1.67 32.62
N PRO A 222 -0.14 -2.03 33.82
CA PRO A 222 -1.55 -2.40 33.93
C PRO A 222 -2.40 -1.17 33.61
N SER A 223 -3.64 -1.37 33.17
CA SER A 223 -4.50 -0.23 32.87
C SER A 223 -4.60 0.76 34.02
N ARG A 224 -4.63 0.25 35.26
CA ARG A 224 -4.56 1.07 36.48
C ARG A 224 -3.52 2.20 36.40
N ASP A 225 -2.31 1.84 35.98
CA ASP A 225 -1.20 2.78 35.96
C ASP A 225 -1.17 3.66 34.72
N ALA A 226 -1.65 3.13 33.60
CA ALA A 226 -1.69 3.93 32.38
C ALA A 226 -2.71 5.04 32.57
N LEU A 227 -3.83 4.69 33.19
CA LEU A 227 -4.87 5.67 33.50
C LEU A 227 -4.29 6.77 34.38
N ARG A 228 -3.55 6.38 35.41
CA ARG A 228 -2.99 7.34 36.36
C ARG A 228 -2.00 8.31 35.70
N LEU A 229 -1.10 7.76 34.89
CA LEU A 229 -0.10 8.56 34.20
C LEU A 229 -0.73 9.67 33.36
N SER A 230 -1.73 9.32 32.54
CA SER A 230 -2.42 10.32 31.73
C SER A 230 -3.22 11.32 32.58
N ARG A 231 -3.96 10.81 33.56
CA ARG A 231 -4.83 11.63 34.40
C ARG A 231 -4.05 12.71 35.14
N GLU A 232 -2.86 12.35 35.60
CA GLU A 232 -2.06 13.26 36.40
C GLU A 232 -1.32 14.33 35.59
N CYS A 233 -1.17 14.11 34.28
CA CYS A 233 -0.29 14.95 33.46
C CYS A 233 -0.91 15.59 32.21
N PRO A 234 -2.12 16.20 32.34
CA PRO A 234 -2.71 16.78 31.12
C PRO A 234 -1.88 17.89 30.49
N GLU A 235 -1.09 18.58 31.29
CA GLU A 235 -0.29 19.71 30.81
C GLU A 235 1.04 19.30 30.14
N ILE A 236 1.35 18.00 30.15
CA ILE A 236 2.57 17.49 29.50
C ILE A 236 2.20 16.79 28.19
N PRO A 237 2.75 17.30 27.07
CA PRO A 237 2.24 16.84 25.76
C PRO A 237 2.95 15.60 25.22
N PHE A 238 2.90 14.52 25.97
CA PHE A 238 3.41 13.26 25.46
C PHE A 238 2.34 12.51 24.67
N VAL A 239 2.78 11.62 23.78
CA VAL A 239 1.91 10.56 23.33
C VAL A 239 2.31 9.34 24.15
N LEU A 240 1.33 8.52 24.50
CA LEU A 240 1.56 7.33 25.30
C LEU A 240 1.71 6.14 24.35
N GLU A 241 2.93 5.60 24.27
CA GLU A 241 3.25 4.53 23.33
C GLU A 241 3.17 3.18 24.03
N GLN A 242 2.41 2.26 23.42
CA GLN A 242 2.20 0.90 23.90
C GLN A 242 2.20 0.79 25.42
N PRO A 243 1.29 1.52 26.10
CA PRO A 243 1.31 1.51 27.57
C PRO A 243 1.02 0.12 28.14
N CYS A 244 0.08 -0.59 27.51
CA CYS A 244 -0.38 -1.88 28.01
C CYS A 244 0.08 -3.00 27.10
N ASN A 245 0.00 -4.24 27.61
CA ASN A 245 0.55 -5.39 26.90
C ASN A 245 -0.24 -5.75 25.65
N THR A 246 -1.56 -5.71 25.73
CA THR A 246 -2.40 -6.13 24.61
C THR A 246 -3.19 -4.99 24.00
N LEU A 247 -3.49 -5.12 22.70
CA LEU A 247 -4.34 -4.16 22.02
C LEU A 247 -5.72 -4.11 22.69
N GLU A 248 -6.18 -5.24 23.20
CA GLU A 248 -7.47 -5.27 23.90
C GLU A 248 -7.46 -4.35 25.12
N GLU A 249 -6.36 -4.36 25.88
CA GLU A 249 -6.25 -3.46 27.03
C GLU A 249 -6.21 -1.99 26.58
N ILE A 250 -5.52 -1.74 25.48
CA ILE A 250 -5.43 -0.38 24.96
C ILE A 250 -6.79 0.12 24.48
N ALA A 251 -7.56 -0.76 23.84
CA ALA A 251 -8.90 -0.35 23.40
C ALA A 251 -9.79 -0.01 24.59
N ALA A 252 -9.59 -0.73 25.69
CA ALA A 252 -10.40 -0.56 26.89
C ALA A 252 -10.15 0.74 27.67
N ILE A 253 -8.93 1.26 27.63
CA ILE A 253 -8.63 2.50 28.36
C ILE A 253 -8.71 3.73 27.47
N ARG A 254 -8.75 3.51 26.16
CA ARG A 254 -8.59 4.59 25.19
C ARG A 254 -9.54 5.79 25.40
N GLY A 255 -10.80 5.50 25.68
CA GLY A 255 -11.76 6.57 25.89
C GLY A 255 -11.61 7.33 27.19
N ARG A 256 -10.80 6.78 28.10
CA ARG A 256 -10.56 7.40 29.40
C ARG A 256 -9.20 8.07 29.47
N VAL A 257 -8.50 8.13 28.33
CA VAL A 257 -7.17 8.72 28.24
C VAL A 257 -7.17 9.90 27.28
N GLN A 258 -6.76 11.08 27.78
CA GLN A 258 -6.82 12.32 26.98
C GLN A 258 -5.55 12.56 26.17
N HIS A 259 -4.53 11.76 26.40
CA HIS A 259 -3.31 11.84 25.61
C HIS A 259 -3.44 10.93 24.40
N GLY A 260 -2.84 11.33 23.27
CA GLY A 260 -2.75 10.45 22.11
C GLY A 260 -2.05 9.16 22.51
N ILE A 261 -2.49 8.03 21.94
CA ILE A 261 -1.93 6.72 22.21
C ILE A 261 -1.36 6.14 20.92
N TYR A 262 -0.10 5.72 20.95
CA TYR A 262 0.51 5.06 19.79
C TYR A 262 0.68 3.57 20.05
N LEU A 263 0.55 2.76 19.00
CA LEU A 263 0.85 1.33 19.12
C LEU A 263 2.29 1.09 18.65
N ASP A 264 2.97 0.11 19.23
CA ASP A 264 4.29 -0.31 18.76
C ASP A 264 4.20 -1.83 18.64
N GLU A 265 4.50 -2.53 19.72
CA GLU A 265 4.49 -3.98 19.72
C GLU A 265 3.20 -4.62 19.19
N SER A 266 2.06 -3.98 19.41
CA SER A 266 0.79 -4.56 18.96
C SER A 266 0.63 -4.55 17.44
N GLY A 267 1.38 -3.69 16.75
CA GLY A 267 1.27 -3.57 15.30
C GLY A 267 2.03 -4.67 14.59
N GLU A 268 1.52 -5.90 14.71
CA GLU A 268 2.25 -7.08 14.28
C GLU A 268 2.16 -7.37 12.79
N ASP A 269 1.14 -6.84 12.14
CA ASP A 269 0.97 -7.07 10.70
C ASP A 269 0.04 -6.03 10.11
N LEU A 270 -0.06 -6.01 8.77
CA LEU A 270 -0.91 -5.03 8.11
C LEU A 270 -2.37 -5.14 8.53
N SER A 271 -2.85 -6.36 8.75
CA SER A 271 -4.23 -6.57 9.19
C SER A 271 -4.56 -5.85 10.50
N THR A 272 -3.63 -5.89 11.45
CA THR A 272 -3.82 -5.22 12.75
C THR A 272 -3.78 -3.70 12.58
N VAL A 273 -2.92 -3.23 11.68
CA VAL A 273 -2.88 -1.80 11.34
C VAL A 273 -4.23 -1.36 10.77
N ILE A 274 -4.82 -2.18 9.90
CA ILE A 274 -6.12 -1.88 9.30
C ILE A 274 -7.22 -1.83 10.36
N ARG A 275 -7.16 -2.74 11.33
CA ARG A 275 -8.10 -2.70 12.44
C ARG A 275 -7.95 -1.42 13.24
N ALA A 276 -6.72 -1.11 13.62
CA ALA A 276 -6.44 0.03 14.48
C ALA A 276 -6.85 1.33 13.80
N ALA A 277 -6.49 1.47 12.53
CA ALA A 277 -6.83 2.69 11.81
C ALA A 277 -8.33 2.77 11.52
N GLY A 278 -8.92 1.67 11.04
CA GLY A 278 -10.32 1.69 10.63
C GLY A 278 -11.28 1.88 11.79
N GLN A 279 -10.89 1.41 12.97
CA GLN A 279 -11.74 1.49 14.16
C GLN A 279 -11.30 2.60 15.10
N GLY A 280 -10.26 3.33 14.71
CA GLY A 280 -9.79 4.47 15.48
C GLY A 280 -9.26 4.10 16.85
N LEU A 281 -8.47 3.03 16.94
CA LEU A 281 -7.98 2.54 18.22
C LEU A 281 -6.68 3.22 18.66
N CYS A 282 -6.04 3.96 17.77
CA CYS A 282 -4.82 4.67 18.15
C CYS A 282 -4.64 5.94 17.34
N ASP A 283 -3.65 6.75 17.73
CA ASP A 283 -3.42 8.05 17.11
C ASP A 283 -2.09 8.10 16.34
N GLY A 284 -1.41 6.97 16.28
CA GLY A 284 -0.15 6.89 15.56
C GLY A 284 0.55 5.60 15.88
N PHE A 285 1.77 5.42 15.34
CA PHE A 285 2.50 4.17 15.53
C PHE A 285 3.99 4.38 15.72
N GLY A 286 4.61 3.52 16.52
CA GLY A 286 6.03 3.28 16.37
C GLY A 286 6.07 2.00 15.57
N MET A 287 6.58 2.03 14.34
CA MET A 287 6.52 0.82 13.53
C MET A 287 7.91 0.30 13.17
N LYS A 288 8.13 -0.99 13.37
CA LYS A 288 9.41 -1.62 13.06
C LYS A 288 9.35 -2.44 11.77
N LEU A 289 10.35 -2.25 10.92
CA LEU A 289 10.35 -2.84 9.58
C LEU A 289 10.32 -4.37 9.62
N THR A 290 11.15 -4.97 10.48
CA THR A 290 11.18 -6.42 10.56
C THR A 290 9.86 -7.00 11.07
N ARG A 291 9.21 -6.30 12.01
CA ARG A 291 7.94 -6.78 12.56
C ARG A 291 6.83 -6.86 11.51
N ILE A 292 6.73 -5.82 10.68
CA ILE A 292 5.68 -5.75 9.67
C ILE A 292 5.97 -6.68 8.48
N GLY A 293 7.24 -7.11 8.36
CA GLY A 293 7.62 -8.10 7.35
C GLY A 293 8.47 -7.63 6.18
N GLY A 294 8.98 -6.41 6.25
CA GLY A 294 9.83 -5.90 5.18
C GLY A 294 9.29 -4.66 4.50
N LEU A 295 9.98 -4.20 3.46
CA LEU A 295 9.64 -2.93 2.84
C LEU A 295 8.36 -2.96 2.04
N GLN A 296 8.03 -4.11 1.44
CA GLN A 296 6.80 -4.21 0.66
C GLN A 296 5.59 -3.89 1.56
N GLN A 297 5.59 -4.47 2.76
CA GLN A 297 4.47 -4.26 3.68
C GLN A 297 4.57 -2.91 4.37
N MET A 298 5.80 -2.47 4.62
CA MET A 298 6.01 -1.18 5.27
C MET A 298 5.51 -0.02 4.39
N ALA A 299 5.70 -0.12 3.08
CA ALA A 299 5.22 0.91 2.17
C ALA A 299 3.70 0.98 2.19
N ALA A 300 3.05 -0.18 2.27
CA ALA A 300 1.58 -0.18 2.35
C ALA A 300 1.15 0.43 3.66
N PHE A 301 1.89 0.12 4.73
CA PHE A 301 1.61 0.66 6.05
C PHE A 301 1.70 2.17 5.99
N ARG A 302 2.75 2.66 5.34
CA ARG A 302 2.93 4.10 5.17
C ARG A 302 1.72 4.75 4.47
N ASP A 303 1.19 4.09 3.43
CA ASP A 303 0.08 4.66 2.66
C ASP A 303 -1.20 4.70 3.48
N ILE A 304 -1.38 3.67 4.31
CA ILE A 304 -2.51 3.62 5.23
C ILE A 304 -2.46 4.78 6.23
N CYS A 305 -1.30 4.99 6.86
CA CYS A 305 -1.17 6.09 7.81
C CYS A 305 -1.35 7.46 7.17
N GLU A 306 -0.88 7.62 5.94
CA GLU A 306 -0.98 8.92 5.26
C GLU A 306 -2.44 9.27 4.97
N ALA A 307 -3.22 8.26 4.59
CA ALA A 307 -4.63 8.49 4.30
C ALA A 307 -5.43 8.88 5.54
N ARG A 308 -4.95 8.46 6.72
CA ARG A 308 -5.66 8.77 7.96
C ARG A 308 -4.95 9.79 8.85
N ALA A 309 -3.93 10.46 8.32
CA ALA A 309 -3.14 11.44 9.08
C ALA A 309 -2.67 10.88 10.43
N LEU A 310 -2.15 9.66 10.40
CA LEU A 310 -1.58 9.01 11.58
C LEU A 310 -0.04 9.08 11.56
N PRO A 311 0.56 9.91 12.43
CA PRO A 311 2.03 10.02 12.44
C PRO A 311 2.68 8.71 12.86
N HIS A 312 3.86 8.41 12.34
CA HIS A 312 4.54 7.18 12.68
C HIS A 312 6.04 7.32 12.49
N SER A 313 6.78 6.47 13.19
CA SER A 313 8.22 6.36 12.96
C SER A 313 8.48 5.19 12.03
N CYS A 314 9.70 5.13 11.48
CA CYS A 314 10.15 3.98 10.71
C CYS A 314 11.43 3.46 11.37
N ASP A 315 11.28 2.45 12.23
CA ASP A 315 12.36 2.00 13.09
C ASP A 315 12.64 0.53 12.87
N ASP A 316 13.60 0.01 13.63
CA ASP A 316 13.64 -1.42 13.85
C ASP A 316 14.07 -1.69 15.28
N ALA A 317 14.17 -2.96 15.64
CA ALA A 317 14.52 -3.35 17.01
C ALA A 317 15.96 -2.99 17.37
N TRP A 318 16.86 -3.26 16.43
CA TRP A 318 18.29 -3.02 16.61
C TRP A 318 18.96 -3.38 15.28
N GLY A 319 20.28 -3.20 15.22
CA GLY A 319 21.02 -3.62 14.03
C GLY A 319 21.85 -2.52 13.39
N GLY A 320 22.73 -2.93 12.48
CA GLY A 320 23.71 -2.04 11.88
C GLY A 320 23.31 -1.39 10.57
N ASP A 321 24.29 -1.14 9.70
CA ASP A 321 24.08 -0.32 8.52
C ASP A 321 23.01 -0.83 7.57
N ILE A 322 22.82 -2.14 7.51
CA ILE A 322 21.92 -2.70 6.52
C ILE A 322 20.47 -2.44 6.90
N ILE A 323 20.07 -2.84 8.10
CA ILE A 323 18.69 -2.58 8.52
C ILE A 323 18.49 -1.07 8.70
N ALA A 324 19.52 -0.37 9.17
CA ALA A 324 19.41 1.08 9.34
C ALA A 324 19.15 1.82 8.02
N ALA A 325 19.82 1.40 6.95
CA ALA A 325 19.62 2.02 5.65
C ALA A 325 18.22 1.73 5.12
N ALA A 326 17.75 0.51 5.36
CA ALA A 326 16.39 0.16 4.93
C ALA A 326 15.37 1.06 5.62
N CYS A 327 15.52 1.26 6.93
CA CYS A 327 14.62 2.15 7.66
C CYS A 327 14.70 3.58 7.15
N THR A 328 15.91 4.01 6.82
CA THR A 328 16.14 5.38 6.35
C THR A 328 15.48 5.61 5.00
N HIS A 329 15.60 4.62 4.11
CA HIS A 329 14.99 4.73 2.79
C HIS A 329 13.46 4.82 2.85
N ILE A 330 12.81 3.95 3.62
CA ILE A 330 11.35 4.09 3.74
C ILE A 330 11.00 5.41 4.44
N GLY A 331 11.80 5.77 5.45
CA GLY A 331 11.56 7.00 6.19
C GLY A 331 11.64 8.24 5.30
N ALA A 332 12.50 8.19 4.30
CA ALA A 332 12.68 9.29 3.37
C ALA A 332 11.49 9.46 2.43
N THR A 333 10.57 8.49 2.42
CA THR A 333 9.36 8.60 1.60
C THR A 333 8.13 9.12 2.35
N VAL A 334 8.24 9.21 3.68
CA VAL A 334 7.12 9.65 4.53
C VAL A 334 6.83 11.15 4.43
N GLN A 335 5.54 11.51 4.36
CA GLN A 335 5.15 12.93 4.36
C GLN A 335 5.76 13.58 5.61
N PRO A 336 6.53 14.66 5.44
CA PRO A 336 7.31 15.20 6.56
C PRO A 336 6.48 15.50 7.81
N ARG A 337 5.26 15.99 7.62
CA ARG A 337 4.43 16.33 8.77
C ARG A 337 3.98 15.10 9.55
N LEU A 338 4.14 13.91 8.98
CA LEU A 338 3.75 12.67 9.66
C LEU A 338 4.93 11.85 10.15
N ASN A 339 6.14 12.33 9.84
CA ASN A 339 7.35 11.56 10.14
C ASN A 339 7.85 11.78 11.57
N GLU A 340 7.60 10.81 12.44
CA GLU A 340 8.04 10.87 13.84
C GLU A 340 9.51 10.49 14.02
N GLY A 341 10.14 10.09 12.93
CA GLY A 341 11.58 9.82 12.95
C GLY A 341 11.99 8.42 12.56
N VAL A 342 13.28 8.26 12.27
CA VAL A 342 13.85 6.95 11.99
C VAL A 342 14.82 6.67 13.13
N TRP A 343 14.52 5.66 13.93
CA TRP A 343 15.42 5.30 15.03
C TRP A 343 16.40 4.26 14.53
N VAL A 344 17.69 4.44 14.84
CA VAL A 344 18.70 3.43 14.53
C VAL A 344 19.61 3.19 15.73
N ALA A 345 20.25 2.02 15.75
CA ALA A 345 21.10 1.62 16.87
C ALA A 345 22.54 2.10 16.76
N GLN A 346 22.87 2.77 15.64
CA GLN A 346 24.23 3.27 15.38
C GLN A 346 24.99 3.90 16.58
N PRO A 347 24.33 4.73 17.40
CA PRO A 347 25.11 5.35 18.49
C PRO A 347 25.62 4.32 19.49
N TYR A 348 25.05 3.12 19.45
CA TYR A 348 25.41 2.06 20.38
C TYR A 348 26.30 1.00 19.72
N ILE A 349 26.68 1.24 18.47
CA ILE A 349 27.44 0.25 17.71
C ILE A 349 28.82 0.79 17.34
N ALA A 350 29.86 0.10 17.81
CA ALA A 350 31.24 0.57 17.61
C ALA A 350 31.73 0.53 16.18
N GLN A 351 31.46 -0.58 15.48
CA GLN A 351 32.02 -0.79 14.14
C GLN A 351 30.95 -0.81 13.03
N PRO A 352 30.96 0.22 12.16
CA PRO A 352 30.02 0.20 11.03
C PRO A 352 30.42 -0.83 9.96
N TYR A 353 29.44 -1.37 9.23
CA TYR A 353 29.72 -2.36 8.19
C TYR A 353 30.33 -1.68 6.97
N ASP A 354 29.90 -0.44 6.74
CA ASP A 354 30.35 0.35 5.60
C ASP A 354 31.02 1.61 6.17
N GLU A 355 32.34 1.63 6.16
CA GLU A 355 33.11 2.73 6.76
C GLU A 355 32.87 4.07 6.05
N GLU A 356 32.56 4.01 4.76
CA GLU A 356 32.42 5.23 3.98
C GLU A 356 31.00 5.77 3.99
N ASN A 357 30.04 4.90 3.73
CA ASN A 357 28.67 5.36 3.50
C ASN A 357 27.61 4.77 4.43
N GLY A 358 28.04 4.18 5.52
CA GLY A 358 27.11 3.64 6.49
C GLY A 358 26.21 4.71 7.10
N ILE A 359 25.12 4.26 7.73
CA ILE A 359 24.17 5.18 8.33
C ILE A 359 24.70 5.77 9.64
N ARG A 360 24.75 7.11 9.72
CA ARG A 360 25.24 7.78 10.92
C ARG A 360 24.24 8.87 11.31
N ILE A 361 23.95 9.01 12.60
CA ILE A 361 23.12 10.14 13.03
C ILE A 361 24.00 11.37 13.13
N ALA A 362 23.56 12.47 12.52
CA ALA A 362 24.25 13.75 12.64
C ALA A 362 23.22 14.85 12.93
N GLY A 363 23.39 15.53 14.05
CA GLY A 363 22.48 16.61 14.38
C GLY A 363 21.06 16.10 14.62
N GLY A 364 20.96 14.87 15.13
CA GLY A 364 19.66 14.26 15.41
C GLY A 364 18.89 13.90 14.16
N HIS A 365 19.59 13.87 13.03
CA HIS A 365 18.99 13.57 11.73
C HIS A 365 19.87 12.58 10.97
N ILE A 366 19.35 12.02 9.88
CA ILE A 366 20.08 11.04 9.08
C ILE A 366 19.98 11.40 7.60
N ASP A 367 21.13 11.49 6.94
CA ASP A 367 21.18 11.74 5.50
C ASP A 367 20.93 10.45 4.75
N LEU A 368 20.06 10.50 3.75
CA LEU A 368 19.82 9.32 2.91
C LEU A 368 21.05 9.08 2.06
N PRO A 369 21.53 7.82 2.00
CA PRO A 369 22.70 7.51 1.16
C PRO A 369 22.44 7.82 -0.31
N LYS A 370 23.51 8.11 -1.06
CA LYS A 370 23.34 8.55 -2.45
C LYS A 370 23.32 7.40 -3.46
N GLY A 371 23.94 6.28 -3.10
CA GLY A 371 24.14 5.19 -4.05
C GLY A 371 22.90 4.39 -4.41
N PRO A 372 22.98 3.56 -5.45
CA PRO A 372 21.81 2.76 -5.82
C PRO A 372 21.52 1.68 -4.79
N GLY A 373 20.31 1.13 -4.81
CA GLY A 373 19.92 0.18 -3.78
C GLY A 373 19.84 0.89 -2.44
N LEU A 374 20.31 0.21 -1.39
CA LEU A 374 20.36 0.81 -0.06
C LEU A 374 21.48 1.84 0.07
N GLY A 375 22.45 1.79 -0.84
CA GLY A 375 23.57 2.72 -0.82
C GLY A 375 24.67 2.29 0.13
N ILE A 376 24.58 1.05 0.60
CA ILE A 376 25.49 0.47 1.59
C ILE A 376 26.28 -0.65 0.94
N THR A 377 27.58 -0.67 1.19
CA THR A 377 28.42 -1.78 0.77
C THR A 377 29.12 -2.35 2.00
N PRO A 378 28.59 -3.47 2.54
CA PRO A 378 29.18 -4.06 3.75
C PRO A 378 30.56 -4.63 3.50
N ASP A 379 31.45 -4.51 4.48
CA ASP A 379 32.73 -5.20 4.45
C ASP A 379 32.49 -6.61 4.98
N GLU A 380 32.36 -7.55 4.07
CA GLU A 380 31.94 -8.92 4.37
C GLU A 380 32.88 -9.61 5.36
N SER A 381 34.15 -9.21 5.37
CA SER A 381 35.16 -9.84 6.22
C SER A 381 34.90 -9.60 7.70
N LEU A 382 34.09 -8.59 8.01
CA LEU A 382 33.75 -8.28 9.39
C LEU A 382 32.86 -9.36 10.00
N PHE A 383 32.17 -10.11 9.15
CA PHE A 383 31.11 -11.03 9.60
C PHE A 383 31.61 -12.44 9.78
N GLY A 384 32.80 -12.74 9.25
CA GLY A 384 33.28 -14.10 9.16
C GLY A 384 32.64 -14.80 7.97
N PRO A 385 33.00 -16.07 7.73
CA PRO A 385 32.33 -16.83 6.67
C PRO A 385 30.86 -17.05 7.02
N PRO A 386 30.01 -17.29 6.00
CA PRO A 386 28.58 -17.51 6.25
C PRO A 386 28.39 -18.69 7.21
N VAL A 387 27.37 -18.63 8.06
CA VAL A 387 27.08 -19.77 8.93
C VAL A 387 26.22 -20.79 8.19
N ALA A 388 25.60 -20.33 7.09
CA ALA A 388 24.78 -21.18 6.24
C ALA A 388 24.77 -20.64 4.82
N SER A 389 24.96 -21.54 3.85
CA SER A 389 24.94 -21.17 2.44
C SER A 389 24.00 -22.06 1.65
N PHE A 390 23.27 -21.45 0.72
CA PHE A 390 22.30 -22.18 -0.07
C PHE A 390 22.49 -21.89 -1.55
N SER A 391 22.38 -22.93 -2.38
CA SER A 391 22.58 -22.82 -3.81
C SER A 391 21.67 -23.80 -4.54
N MET B 23 15.54 13.06 -13.83
CA MET B 23 14.58 13.27 -14.91
C MET B 23 13.57 14.35 -14.54
N LYS B 24 13.09 15.09 -15.54
CA LYS B 24 12.09 16.13 -15.30
C LYS B 24 11.00 16.10 -16.38
N ILE B 25 9.78 16.44 -15.99
CA ILE B 25 8.71 16.64 -16.95
C ILE B 25 8.96 17.93 -17.76
N ALA B 26 8.96 17.82 -19.09
CA ALA B 26 9.18 18.99 -19.94
C ALA B 26 7.89 19.48 -20.58
N GLU B 27 7.00 18.55 -20.92
CA GLU B 27 5.73 18.89 -21.56
C GLU B 27 4.61 18.02 -21.05
N ILE B 28 3.40 18.57 -21.03
CA ILE B 28 2.20 17.79 -20.77
C ILE B 28 1.16 18.13 -21.83
N HIS B 29 0.63 17.12 -22.50
CA HIS B 29 -0.36 17.36 -23.54
C HIS B 29 -1.68 16.66 -23.23
N VAL B 30 -2.76 17.41 -23.36
CA VAL B 30 -4.09 16.90 -23.05
C VAL B 30 -4.91 16.77 -24.33
N TYR B 31 -5.52 15.60 -24.51
CA TYR B 31 -6.26 15.32 -25.74
C TYR B 31 -7.71 14.99 -25.44
N ALA B 32 -8.62 15.43 -26.32
CA ALA B 32 -10.02 15.00 -26.27
C ALA B 32 -10.25 13.99 -27.40
N HIS B 33 -10.92 12.88 -27.10
CA HIS B 33 -11.16 11.85 -28.12
C HIS B 33 -12.49 11.13 -27.92
N ASP B 34 -13.20 10.86 -29.01
CA ASP B 34 -14.54 10.27 -28.93
C ASP B 34 -14.59 8.74 -29.15
N LEU B 35 -15.43 8.04 -28.39
CA LEU B 35 -15.55 6.57 -28.44
C LEU B 35 -17.01 6.12 -28.50
N PRO B 36 -17.55 5.93 -29.73
CA PRO B 36 -18.95 5.48 -29.83
C PRO B 36 -19.18 4.03 -29.36
N VAL B 37 -20.33 3.79 -28.74
CA VAL B 37 -20.65 2.46 -28.21
C VAL B 37 -21.19 1.52 -29.29
N LYS B 38 -20.41 0.51 -29.66
CA LYS B 38 -20.87 -0.49 -30.64
C LYS B 38 -22.14 -1.17 -30.15
N ASP B 39 -23.18 -1.10 -30.97
CA ASP B 39 -24.46 -1.75 -30.68
C ASP B 39 -25.05 -1.32 -29.34
N GLY B 40 -24.99 -0.02 -29.09
CA GLY B 40 -25.52 0.55 -27.86
C GLY B 40 -27.00 0.87 -27.94
N PRO B 41 -27.51 1.62 -26.95
CA PRO B 41 -26.71 2.19 -25.87
C PRO B 41 -26.33 1.17 -24.81
N TYR B 42 -25.47 1.56 -23.88
CA TYR B 42 -25.17 0.72 -22.72
C TYR B 42 -25.93 1.30 -21.55
N THR B 43 -26.75 0.46 -20.90
CA THR B 43 -27.63 0.93 -19.84
C THR B 43 -27.16 0.54 -18.44
N ILE B 44 -27.01 1.55 -17.60
CA ILE B 44 -26.69 1.37 -16.19
C ILE B 44 -27.83 2.07 -15.47
N ALA B 45 -28.21 1.59 -14.28
CA ALA B 45 -29.34 2.19 -13.58
C ALA B 45 -29.12 3.69 -13.32
N SER B 46 -27.85 4.10 -13.31
CA SER B 46 -27.47 5.48 -13.04
C SER B 46 -27.00 6.23 -14.28
N SER B 47 -26.91 5.54 -15.42
CA SER B 47 -26.36 6.17 -16.63
C SER B 47 -26.58 5.36 -17.91
N THR B 48 -27.21 5.96 -18.92
CA THR B 48 -27.26 5.38 -20.28
C THR B 48 -26.50 6.27 -21.25
N VAL B 49 -25.54 5.68 -21.97
CA VAL B 49 -24.71 6.44 -22.88
C VAL B 49 -24.71 5.87 -24.30
N TRP B 50 -24.48 6.74 -25.28
CA TRP B 50 -24.41 6.33 -26.68
C TRP B 50 -23.01 6.56 -27.26
N SER B 51 -22.29 7.52 -26.70
CA SER B 51 -20.87 7.73 -27.04
C SER B 51 -20.11 8.34 -25.86
N LEU B 52 -18.85 7.94 -25.70
CA LEU B 52 -18.03 8.37 -24.57
C LEU B 52 -16.91 9.31 -25.00
N GLN B 53 -16.67 10.35 -24.20
CA GLN B 53 -15.59 11.30 -24.46
C GLN B 53 -14.41 10.99 -23.53
N THR B 54 -13.36 10.42 -24.08
CA THR B 54 -12.20 10.10 -23.25
C THR B 54 -11.20 11.25 -23.31
N THR B 55 -10.32 11.29 -22.32
CA THR B 55 -9.29 12.31 -22.22
C THR B 55 -7.95 11.62 -22.06
N LEU B 56 -7.00 11.93 -22.94
CA LEU B 56 -5.68 11.31 -22.90
C LEU B 56 -4.66 12.33 -22.43
N VAL B 57 -3.62 11.85 -21.75
CA VAL B 57 -2.57 12.73 -21.26
C VAL B 57 -1.23 12.17 -21.71
N LYS B 58 -0.43 13.02 -22.33
CA LYS B 58 0.92 12.65 -22.72
C LYS B 58 1.92 13.47 -21.92
N ILE B 59 2.79 12.81 -21.17
CA ILE B 59 3.85 13.51 -20.45
C ILE B 59 5.16 13.27 -21.18
N VAL B 60 5.85 14.35 -21.54
CA VAL B 60 7.17 14.23 -22.18
C VAL B 60 8.27 14.68 -21.24
N ALA B 61 9.24 13.80 -21.01
CA ALA B 61 10.40 14.11 -20.17
C ALA B 61 11.39 14.98 -20.94
N ASP B 62 12.31 15.60 -20.21
CA ASP B 62 13.35 16.39 -20.86
C ASP B 62 14.19 15.54 -21.82
N SER B 63 14.24 14.23 -21.58
CA SER B 63 14.98 13.30 -22.43
C SER B 63 14.25 13.03 -23.73
N GLY B 64 12.96 13.38 -23.80
CA GLY B 64 12.16 13.14 -24.99
C GLY B 64 11.26 11.92 -24.85
N LEU B 65 11.51 11.10 -23.84
CA LEU B 65 10.70 9.91 -23.58
C LEU B 65 9.30 10.33 -23.13
N ALA B 66 8.28 9.60 -23.58
CA ALA B 66 6.89 9.94 -23.27
C ALA B 66 6.14 8.80 -22.57
N GLY B 67 5.16 9.18 -21.75
CA GLY B 67 4.27 8.23 -21.12
C GLY B 67 2.84 8.67 -21.34
N TRP B 68 1.90 7.71 -21.31
CA TRP B 68 0.50 7.98 -21.61
C TRP B 68 -0.44 7.62 -20.48
N GLY B 69 -1.45 8.47 -20.25
CA GLY B 69 -2.52 8.19 -19.30
C GLY B 69 -3.87 8.45 -19.93
N GLU B 70 -4.95 8.07 -19.25
CA GLU B 70 -6.30 8.17 -19.80
C GLU B 70 -7.34 8.17 -18.69
N THR B 71 -8.39 8.99 -18.85
CA THR B 71 -9.52 8.96 -17.94
C THR B 71 -10.80 9.19 -18.74
N CYS B 72 -11.80 8.34 -18.51
CA CYS B 72 -13.01 8.38 -19.32
C CYS B 72 -14.24 8.04 -18.49
N PRO B 73 -14.90 9.06 -17.94
CA PRO B 73 -16.13 8.81 -17.18
C PRO B 73 -17.20 8.15 -18.06
N VAL B 74 -18.08 7.35 -17.46
CA VAL B 74 -19.07 6.61 -18.23
C VAL B 74 -20.38 7.40 -18.23
N GLY B 75 -20.35 8.51 -18.94
CA GLY B 75 -21.40 9.50 -18.87
C GLY B 75 -21.17 10.40 -17.67
N PRO B 76 -21.85 11.55 -17.64
CA PRO B 76 -21.66 12.55 -16.58
C PRO B 76 -22.47 12.26 -15.30
N THR B 77 -23.34 11.25 -15.33
CA THR B 77 -24.19 10.99 -14.17
C THR B 77 -23.78 9.78 -13.32
N TYR B 78 -22.81 9.00 -13.77
CA TYR B 78 -22.43 7.78 -13.03
C TYR B 78 -21.72 8.11 -11.72
N ALA B 79 -20.81 9.08 -11.79
CA ALA B 79 -19.94 9.42 -10.68
C ALA B 79 -19.68 10.93 -10.74
N PRO B 80 -19.12 11.51 -9.66
CA PRO B 80 -18.83 12.96 -9.68
C PRO B 80 -17.62 13.31 -10.54
N SER B 81 -17.78 13.13 -11.85
CA SER B 81 -16.71 13.27 -12.80
C SER B 81 -17.31 13.32 -14.19
N HIS B 82 -16.66 14.06 -15.10
CA HIS B 82 -17.14 14.19 -16.46
C HIS B 82 -15.99 14.64 -17.35
N ALA B 83 -16.12 14.45 -18.67
CA ALA B 83 -15.01 14.72 -19.58
C ALA B 83 -14.54 16.17 -19.53
N LEU B 84 -15.48 17.11 -19.54
CA LEU B 84 -15.10 18.53 -19.48
C LEU B 84 -14.39 18.82 -18.16
N GLY B 85 -14.81 18.14 -17.10
CA GLY B 85 -14.24 18.34 -15.79
C GLY B 85 -12.83 17.77 -15.69
N ALA B 86 -12.60 16.66 -16.38
CA ALA B 86 -11.27 16.06 -16.42
C ALA B 86 -10.28 17.03 -17.05
N ARG B 87 -10.67 17.61 -18.17
CA ARG B 87 -9.81 18.55 -18.88
C ARG B 87 -9.59 19.83 -18.09
N ALA B 88 -10.61 20.30 -17.38
CA ALA B 88 -10.45 21.49 -16.54
C ALA B 88 -9.46 21.22 -15.42
N ALA B 89 -9.55 20.04 -14.82
CA ALA B 89 -8.69 19.65 -13.72
C ALA B 89 -7.25 19.50 -14.19
N LEU B 90 -7.08 18.89 -15.35
CA LEU B 90 -5.73 18.73 -15.90
C LEU B 90 -5.12 20.08 -16.26
N ALA B 91 -5.92 20.99 -16.80
CA ALA B 91 -5.43 22.31 -17.15
C ALA B 91 -5.04 23.10 -15.89
N GLU B 92 -5.75 22.86 -14.78
CA GLU B 92 -5.43 23.50 -13.52
C GLU B 92 -4.06 23.06 -13.00
N MET B 93 -3.80 21.75 -13.07
CA MET B 93 -2.61 21.19 -12.44
C MET B 93 -1.37 21.24 -13.30
N ALA B 94 -1.54 21.07 -14.60
CA ALA B 94 -0.40 20.92 -15.50
C ALA B 94 0.74 21.94 -15.37
N PRO B 95 0.42 23.26 -15.32
CA PRO B 95 1.56 24.20 -15.23
C PRO B 95 2.40 23.99 -13.98
N GLY B 96 1.76 23.54 -12.91
CA GLY B 96 2.46 23.29 -11.65
C GLY B 96 3.26 22.00 -11.61
N LEU B 97 3.18 21.19 -12.67
CA LEU B 97 3.87 19.89 -12.70
C LEU B 97 5.08 19.90 -13.62
N ILE B 98 5.18 20.93 -14.46
CA ILE B 98 6.34 21.04 -15.33
C ILE B 98 7.60 21.12 -14.46
N GLY B 99 8.57 20.26 -14.72
CA GLY B 99 9.79 20.23 -13.92
C GLY B 99 9.83 19.18 -12.83
N ALA B 100 8.69 18.56 -12.54
CA ALA B 100 8.64 17.51 -11.52
C ALA B 100 9.30 16.24 -12.03
N ASN B 101 9.82 15.42 -11.12
CA ASN B 101 10.40 14.14 -11.46
C ASN B 101 9.29 13.11 -11.65
N PRO B 102 9.11 12.62 -12.87
CA PRO B 102 8.05 11.66 -13.17
C PRO B 102 8.34 10.24 -12.69
N LEU B 103 9.52 10.03 -12.11
CA LEU B 103 9.91 8.70 -11.68
C LEU B 103 9.56 8.46 -10.21
N GLN B 104 8.83 9.40 -9.62
CA GLN B 104 8.51 9.35 -8.20
C GLN B 104 7.00 9.53 -8.02
N PRO B 105 6.24 8.42 -8.11
CA PRO B 105 4.78 8.49 -8.18
C PRO B 105 4.12 9.04 -6.91
N LEU B 106 4.64 8.72 -5.73
CA LEU B 106 4.08 9.28 -4.50
C LEU B 106 4.37 10.78 -4.37
N VAL B 107 5.62 11.16 -4.64
CA VAL B 107 6.01 12.57 -4.60
C VAL B 107 5.17 13.36 -5.59
N LEU B 108 4.99 12.78 -6.77
CA LEU B 108 4.21 13.42 -7.82
C LEU B 108 2.75 13.58 -7.41
N ARG B 109 2.20 12.59 -6.69
CA ARG B 109 0.81 12.65 -6.26
C ARG B 109 0.63 13.75 -5.22
N ARG B 110 1.56 13.86 -4.29
CA ARG B 110 1.50 14.92 -3.31
C ARG B 110 1.57 16.29 -3.96
N ARG B 111 2.35 16.39 -5.03
CA ARG B 111 2.50 17.66 -5.74
C ARG B 111 1.19 18.02 -6.41
N MET B 112 0.51 17.03 -6.98
CA MET B 112 -0.83 17.27 -7.53
C MET B 112 -1.79 17.75 -6.46
N ASP B 113 -1.75 17.12 -5.30
CA ASP B 113 -2.64 17.49 -4.20
C ASP B 113 -2.36 18.94 -3.78
N GLY B 114 -1.13 19.37 -3.99
CA GLY B 114 -0.73 20.73 -3.67
C GLY B 114 -1.29 21.76 -4.65
N LEU B 115 -1.84 21.27 -5.76
CA LEU B 115 -2.37 22.13 -6.82
C LEU B 115 -3.89 22.07 -6.94
N LEU B 116 -4.47 20.94 -6.53
CA LEU B 116 -5.92 20.77 -6.67
C LEU B 116 -6.41 19.71 -5.70
N CYS B 117 -7.44 20.06 -4.94
CA CYS B 117 -8.07 19.13 -4.01
C CYS B 117 -9.01 18.18 -4.74
N GLY B 118 -8.99 16.90 -4.38
CA GLY B 118 -9.90 15.92 -4.95
C GLY B 118 -9.57 15.64 -6.39
N HIS B 119 -10.61 15.42 -7.20
CA HIS B 119 -10.45 15.18 -8.64
C HIS B 119 -9.52 14.02 -8.91
N ASN B 120 -9.68 12.94 -8.16
CA ASN B 120 -8.87 11.74 -8.38
C ASN B 120 -8.88 11.27 -9.83
N TYR B 121 -10.04 11.36 -10.49
CA TYR B 121 -10.16 10.81 -11.83
C TYR B 121 -9.24 11.52 -12.83
N ALA B 122 -8.95 12.79 -12.58
CA ALA B 122 -7.99 13.54 -13.41
C ALA B 122 -6.55 13.26 -13.01
N LYS B 123 -6.29 13.32 -11.70
CA LYS B 123 -4.97 12.96 -11.16
C LYS B 123 -4.50 11.59 -11.62
N ALA B 124 -5.43 10.64 -11.70
CA ALA B 124 -5.12 9.29 -12.16
C ALA B 124 -4.47 9.25 -13.54
N ALA B 125 -4.87 10.15 -14.43
CA ALA B 125 -4.31 10.15 -15.78
C ALA B 125 -2.83 10.54 -15.77
N ILE B 126 -2.47 11.49 -14.90
CA ILE B 126 -1.08 11.89 -14.73
C ILE B 126 -0.27 10.76 -14.10
N ASP B 127 -0.86 10.16 -13.06
CA ASP B 127 -0.25 9.03 -12.37
C ASP B 127 0.07 7.90 -13.35
N ILE B 128 -0.89 7.56 -14.21
CA ILE B 128 -0.71 6.43 -15.13
C ILE B 128 0.36 6.76 -16.17
N ALA B 129 0.34 7.99 -16.69
CA ALA B 129 1.37 8.43 -17.63
C ALA B 129 2.77 8.33 -17.01
N ALA B 130 2.89 8.69 -15.75
CA ALA B 130 4.18 8.62 -15.08
C ALA B 130 4.67 7.19 -14.89
N TYR B 131 3.79 6.27 -14.54
CA TYR B 131 4.20 4.86 -14.43
C TYR B 131 4.63 4.31 -15.79
N ASP B 132 3.92 4.69 -16.85
CA ASP B 132 4.27 4.26 -18.20
C ASP B 132 5.68 4.74 -18.53
N LEU B 133 5.94 6.00 -18.23
CA LEU B 133 7.23 6.63 -18.49
C LEU B 133 8.34 5.97 -17.66
N MET B 134 8.06 5.72 -16.39
CA MET B 134 8.98 4.99 -15.51
C MET B 134 9.33 3.63 -16.08
N GLY B 135 8.32 2.89 -16.51
CA GLY B 135 8.55 1.55 -17.05
C GLY B 135 9.40 1.58 -18.29
N LYS B 136 9.12 2.53 -19.19
CA LYS B 136 9.93 2.67 -20.40
C LYS B 136 11.38 3.02 -20.08
N HIS B 137 11.55 3.86 -19.06
CA HIS B 137 12.88 4.36 -18.71
C HIS B 137 13.77 3.27 -18.12
N TYR B 138 13.20 2.48 -17.22
CA TYR B 138 13.94 1.41 -16.55
C TYR B 138 13.92 0.09 -17.35
N GLY B 139 13.04 0.01 -18.34
CA GLY B 139 12.94 -1.20 -19.16
C GLY B 139 12.16 -2.29 -18.44
N VAL B 140 11.07 -1.90 -17.79
CA VAL B 140 10.28 -2.82 -16.98
C VAL B 140 8.79 -2.64 -17.18
N ARG B 141 8.04 -3.73 -17.03
CA ARG B 141 6.59 -3.65 -17.16
C ARG B 141 6.01 -2.99 -15.92
N VAL B 142 4.95 -2.20 -16.10
CA VAL B 142 4.30 -1.53 -14.98
C VAL B 142 3.90 -2.49 -13.87
N ALA B 143 3.39 -3.68 -14.21
CA ALA B 143 3.04 -4.64 -13.16
C ALA B 143 4.24 -4.97 -12.28
N ASP B 144 5.44 -5.00 -12.86
CA ASP B 144 6.65 -5.28 -12.08
C ASP B 144 7.11 -4.09 -11.22
N LEU B 145 6.64 -2.88 -11.53
CA LEU B 145 6.88 -1.72 -10.67
C LEU B 145 5.91 -1.72 -9.48
N LEU B 146 4.85 -2.52 -9.59
CA LEU B 146 3.77 -2.53 -8.60
C LEU B 146 3.82 -3.79 -7.75
N GLY B 147 4.95 -4.49 -7.78
CA GLY B 147 5.12 -5.63 -6.89
C GLY B 147 5.41 -6.94 -7.61
N GLY B 148 5.03 -7.01 -8.88
CA GLY B 148 5.42 -8.12 -9.74
C GLY B 148 4.25 -8.83 -10.41
N VAL B 149 4.50 -9.37 -11.60
CA VAL B 149 3.50 -10.15 -12.33
C VAL B 149 3.20 -11.46 -11.61
N ALA B 150 1.98 -11.59 -11.11
CA ALA B 150 1.54 -12.82 -10.45
C ALA B 150 0.85 -13.73 -11.46
N ALA B 151 0.38 -13.12 -12.55
CA ALA B 151 -0.30 -13.87 -13.61
C ALA B 151 -0.17 -13.14 -14.94
N GLU B 152 0.27 -13.85 -15.97
CA GLU B 152 0.40 -13.25 -17.29
C GLU B 152 -0.93 -13.07 -17.99
N ARG B 153 -1.92 -13.88 -17.62
CA ARG B 153 -3.26 -13.75 -18.17
C ARG B 153 -4.22 -13.61 -17.01
N VAL B 154 -5.05 -12.56 -17.05
CA VAL B 154 -5.97 -12.30 -15.95
C VAL B 154 -7.43 -12.56 -16.33
N PRO B 155 -8.26 -12.96 -15.36
CA PRO B 155 -9.68 -13.11 -15.68
C PRO B 155 -10.34 -11.76 -15.96
N SER B 156 -11.38 -11.76 -16.80
CA SER B 156 -12.26 -10.60 -16.92
C SER B 156 -13.66 -11.02 -16.48
N TYR B 157 -14.60 -10.09 -16.52
CA TYR B 157 -16.00 -10.45 -16.30
C TYR B 157 -16.87 -9.67 -17.25
N TYR B 158 -18.04 -10.21 -17.58
CA TYR B 158 -18.91 -9.52 -18.51
C TYR B 158 -20.07 -8.91 -17.77
N ALA B 159 -20.35 -7.64 -18.04
CA ALA B 159 -21.44 -6.95 -17.37
C ALA B 159 -22.60 -6.75 -18.33
N THR B 160 -23.76 -7.32 -18.01
CA THR B 160 -24.90 -7.14 -18.89
C THR B 160 -25.52 -5.77 -18.70
N GLY B 161 -26.25 -5.31 -19.70
CA GLY B 161 -27.07 -4.12 -19.53
C GLY B 161 -28.39 -4.51 -18.91
N ILE B 162 -29.22 -3.53 -18.61
CA ILE B 162 -30.56 -3.80 -18.09
C ILE B 162 -31.47 -4.12 -19.27
N GLY B 163 -32.24 -5.20 -19.17
CA GLY B 163 -33.10 -5.65 -20.26
C GLY B 163 -34.12 -6.68 -19.84
N GLN B 164 -34.80 -7.28 -20.83
CA GLN B 164 -35.78 -8.34 -20.55
C GLN B 164 -35.10 -9.53 -19.93
N PRO B 165 -35.72 -10.14 -18.91
CA PRO B 165 -35.12 -11.28 -18.21
C PRO B 165 -34.58 -12.42 -19.11
N ASP B 166 -35.37 -12.91 -20.05
N ASP B 166 -35.39 -12.87 -20.06
CA ASP B 166 -34.90 -14.04 -20.86
CA ASP B 166 -35.02 -13.98 -20.94
C ASP B 166 -33.84 -13.67 -21.90
C ASP B 166 -33.83 -13.63 -21.82
N GLU B 167 -33.82 -12.41 -22.33
CA GLU B 167 -32.77 -11.95 -23.22
C GLU B 167 -31.44 -11.82 -22.47
N ILE B 168 -31.51 -11.27 -21.26
CA ILE B 168 -30.33 -11.19 -20.40
C ILE B 168 -29.82 -12.59 -20.05
N ALA B 169 -30.72 -13.51 -19.75
CA ALA B 169 -30.31 -14.90 -19.49
C ALA B 169 -29.65 -15.54 -20.72
N ARG B 170 -30.18 -15.26 -21.91
CA ARG B 170 -29.56 -15.77 -23.15
C ARG B 170 -28.14 -15.24 -23.33
N ILE B 171 -27.98 -13.93 -23.14
CA ILE B 171 -26.66 -13.29 -23.25
C ILE B 171 -25.69 -13.85 -22.21
N ALA B 172 -26.17 -14.03 -20.98
CA ALA B 172 -25.34 -14.62 -19.93
C ALA B 172 -24.82 -15.99 -20.33
N ALA B 173 -25.69 -16.83 -20.90
CA ALA B 173 -25.28 -18.16 -21.33
C ALA B 173 -24.20 -18.08 -22.42
N GLU B 174 -24.37 -17.14 -23.34
CA GLU B 174 -23.42 -16.97 -24.43
C GLU B 174 -22.05 -16.56 -23.94
N LYS B 175 -22.02 -15.64 -22.97
CA LYS B 175 -20.76 -15.13 -22.43
C LYS B 175 -20.03 -16.18 -21.62
N VAL B 176 -20.78 -17.01 -20.89
CA VAL B 176 -20.18 -18.15 -20.23
C VAL B 176 -19.55 -19.10 -21.25
N ALA B 177 -20.26 -19.35 -22.34
CA ALA B 177 -19.73 -20.21 -23.41
C ALA B 177 -18.47 -19.60 -24.04
N GLU B 178 -18.37 -18.28 -24.02
CA GLU B 178 -17.19 -17.60 -24.57
C GLU B 178 -15.98 -17.75 -23.66
N GLY B 179 -16.22 -18.05 -22.38
CA GLY B 179 -15.12 -18.25 -21.46
C GLY B 179 -15.08 -17.35 -20.23
N PHE B 180 -15.98 -16.38 -20.16
CA PHE B 180 -16.03 -15.51 -18.98
C PHE B 180 -16.28 -16.29 -17.70
N PRO B 181 -15.37 -16.16 -16.72
CA PRO B 181 -15.48 -16.90 -15.46
C PRO B 181 -16.42 -16.22 -14.47
N ARG B 182 -16.86 -15.01 -14.77
CA ARG B 182 -17.73 -14.24 -13.88
C ARG B 182 -18.68 -13.37 -14.71
N LEU B 183 -19.91 -13.21 -14.24
CA LEU B 183 -20.83 -12.29 -14.88
C LEU B 183 -21.34 -11.29 -13.86
N GLN B 184 -21.61 -10.07 -14.32
CA GLN B 184 -22.24 -9.06 -13.49
C GLN B 184 -23.55 -8.67 -14.16
N ILE B 185 -24.64 -8.83 -13.42
CA ILE B 185 -25.97 -8.50 -13.94
C ILE B 185 -26.38 -7.13 -13.40
N LYS B 186 -26.62 -6.18 -14.30
CA LYS B 186 -27.07 -4.86 -13.86
C LYS B 186 -28.57 -4.85 -13.59
N ILE B 187 -28.95 -4.24 -12.47
CA ILE B 187 -30.36 -4.15 -12.11
C ILE B 187 -30.71 -2.75 -11.64
N GLY B 188 -32.00 -2.50 -11.43
CA GLY B 188 -32.46 -1.25 -10.86
C GLY B 188 -33.12 -0.32 -11.86
N GLY B 189 -33.77 0.72 -11.34
CA GLY B 189 -34.41 1.71 -12.22
C GLY B 189 -35.77 1.27 -12.74
N ARG B 190 -36.30 0.22 -12.14
CA ARG B 190 -37.58 -0.36 -12.54
C ARG B 190 -38.03 -1.18 -11.34
N PRO B 191 -39.29 -1.68 -11.37
CA PRO B 191 -39.76 -2.51 -10.25
C PRO B 191 -38.85 -3.72 -9.98
N VAL B 192 -38.51 -3.97 -8.71
CA VAL B 192 -37.51 -4.97 -8.38
C VAL B 192 -37.93 -6.40 -8.75
N GLU B 193 -39.23 -6.64 -8.92
CA GLU B 193 -39.68 -7.97 -9.35
C GLU B 193 -39.02 -8.37 -10.66
N ILE B 194 -38.79 -7.39 -11.53
CA ILE B 194 -38.19 -7.66 -12.82
C ILE B 194 -36.71 -8.01 -12.67
N ASP B 195 -36.03 -7.32 -11.75
CA ASP B 195 -34.63 -7.61 -11.43
C ASP B 195 -34.50 -9.03 -10.88
N ILE B 196 -35.40 -9.39 -9.96
CA ILE B 196 -35.37 -10.70 -9.35
C ILE B 196 -35.64 -11.80 -10.38
N GLU B 197 -36.60 -11.57 -11.27
CA GLU B 197 -36.86 -12.51 -12.37
C GLU B 197 -35.63 -12.67 -13.26
N THR B 198 -34.97 -11.55 -13.54
CA THR B 198 -33.72 -11.57 -14.32
C THR B 198 -32.65 -12.43 -13.64
N VAL B 199 -32.43 -12.20 -12.35
CA VAL B 199 -31.43 -12.96 -11.60
C VAL B 199 -31.74 -14.46 -11.62
N ARG B 200 -33.01 -14.79 -11.42
N ARG B 200 -33.00 -14.80 -11.41
CA ARG B 200 -33.42 -16.20 -11.42
CA ARG B 200 -33.42 -16.21 -11.41
C ARG B 200 -33.24 -16.87 -12.77
C ARG B 200 -33.23 -16.87 -12.77
N LYS B 201 -33.60 -16.17 -13.84
CA LYS B 201 -33.47 -16.73 -15.17
C LYS B 201 -32.01 -16.85 -15.60
N VAL B 202 -31.17 -15.89 -15.20
CA VAL B 202 -29.74 -16.00 -15.45
C VAL B 202 -29.18 -17.21 -14.71
N TRP B 203 -29.53 -17.34 -13.44
CA TRP B 203 -29.00 -18.44 -12.64
C TRP B 203 -29.39 -19.80 -13.21
N GLU B 204 -30.62 -19.93 -13.69
CA GLU B 204 -31.05 -21.18 -14.29
C GLU B 204 -30.18 -21.58 -15.48
N ARG B 205 -29.70 -20.60 -16.24
CA ARG B 205 -28.86 -20.91 -17.39
C ARG B 205 -27.37 -21.10 -17.07
N ILE B 206 -26.90 -20.52 -15.98
CA ILE B 206 -25.46 -20.64 -15.66
C ILE B 206 -25.12 -21.53 -14.46
N ARG B 207 -26.13 -22.00 -13.73
CA ARG B 207 -25.88 -22.87 -12.59
C ARG B 207 -25.10 -24.13 -13.00
N GLY B 208 -24.16 -24.54 -12.17
CA GLY B 208 -23.36 -25.72 -12.44
C GLY B 208 -22.26 -25.54 -13.48
N THR B 209 -21.90 -24.29 -13.76
CA THR B 209 -20.82 -24.02 -14.69
C THR B 209 -19.61 -23.49 -13.93
N GLY B 210 -19.80 -23.18 -12.65
CA GLY B 210 -18.74 -22.62 -11.84
C GLY B 210 -18.53 -21.14 -12.08
N THR B 211 -19.40 -20.53 -12.88
CA THR B 211 -19.35 -19.10 -13.15
C THR B 211 -19.76 -18.32 -11.89
N ARG B 212 -18.94 -17.34 -11.49
CA ARG B 212 -19.29 -16.51 -10.35
C ARG B 212 -20.27 -15.43 -10.77
N LEU B 213 -21.09 -14.97 -9.83
CA LEU B 213 -22.16 -14.05 -10.16
C LEU B 213 -22.15 -12.82 -9.27
N ALA B 214 -22.26 -11.65 -9.88
CA ALA B 214 -22.45 -10.41 -9.15
C ALA B 214 -23.74 -9.77 -9.63
N VAL B 215 -24.46 -9.12 -8.74
CA VAL B 215 -25.64 -8.35 -9.11
C VAL B 215 -25.43 -6.91 -8.67
N ASP B 216 -25.43 -5.99 -9.63
CA ASP B 216 -25.00 -4.61 -9.39
C ASP B 216 -26.21 -3.68 -9.45
N GLY B 217 -26.55 -3.08 -8.32
CA GLY B 217 -27.68 -2.16 -8.28
C GLY B 217 -27.31 -0.73 -8.66
N ASN B 218 -26.02 -0.47 -8.84
CA ASN B 218 -25.53 0.87 -9.19
C ASN B 218 -26.21 2.02 -8.44
N ARG B 219 -26.25 1.92 -7.11
CA ARG B 219 -26.76 2.98 -6.22
C ARG B 219 -28.27 3.20 -6.29
N SER B 220 -29.01 2.30 -6.95
CA SER B 220 -30.40 2.61 -7.33
C SER B 220 -31.47 1.99 -6.44
N LEU B 221 -31.12 1.03 -5.60
CA LEU B 221 -32.11 0.32 -4.80
C LEU B 221 -32.31 0.97 -3.43
N PRO B 222 -33.56 1.27 -3.09
CA PRO B 222 -33.81 1.61 -1.68
C PRO B 222 -33.54 0.36 -0.86
N SER B 223 -33.21 0.52 0.42
CA SER B 223 -32.97 -0.63 1.28
C SER B 223 -34.12 -1.64 1.26
N ARG B 224 -35.37 -1.16 1.17
CA ARG B 224 -36.53 -2.02 0.95
C ARG B 224 -36.29 -3.12 -0.10
N ASP B 225 -35.73 -2.72 -1.23
CA ASP B 225 -35.61 -3.64 -2.36
C ASP B 225 -34.35 -4.48 -2.30
N ALA B 226 -33.29 -3.92 -1.73
CA ALA B 226 -32.06 -4.68 -1.51
C ALA B 226 -32.33 -5.85 -0.56
N LEU B 227 -33.07 -5.56 0.52
CA LEU B 227 -33.49 -6.59 1.48
C LEU B 227 -34.31 -7.68 0.80
N ARG B 228 -35.27 -7.26 -0.03
CA ARG B 228 -36.12 -8.23 -0.72
C ARG B 228 -35.34 -9.14 -1.67
N LEU B 229 -34.47 -8.55 -2.49
CA LEU B 229 -33.65 -9.31 -3.42
C LEU B 229 -32.87 -10.43 -2.72
N SER B 230 -32.18 -10.08 -1.64
CA SER B 230 -31.39 -11.08 -0.91
C SER B 230 -32.28 -12.10 -0.20
N ARG B 231 -33.32 -11.61 0.46
CA ARG B 231 -34.24 -12.47 1.22
C ARG B 231 -34.87 -13.56 0.35
N GLU B 232 -35.18 -13.19 -0.90
CA GLU B 232 -35.91 -14.08 -1.82
C GLU B 232 -35.02 -15.09 -2.52
N CYS B 233 -33.71 -14.85 -2.52
CA CYS B 233 -32.81 -15.69 -3.31
C CYS B 233 -31.60 -16.27 -2.57
N PRO B 234 -31.82 -16.94 -1.43
CA PRO B 234 -30.63 -17.45 -0.72
C PRO B 234 -29.90 -18.54 -1.50
N GLU B 235 -30.62 -19.22 -2.38
CA GLU B 235 -30.05 -20.33 -3.15
C GLU B 235 -29.25 -19.85 -4.37
N ILE B 236 -29.32 -18.55 -4.65
CA ILE B 236 -28.56 -17.99 -5.78
C ILE B 236 -27.30 -17.27 -5.28
N PRO B 237 -26.11 -17.73 -5.70
CA PRO B 237 -24.86 -17.26 -5.08
C PRO B 237 -24.30 -15.98 -5.70
N PHE B 238 -25.05 -14.90 -5.67
CA PHE B 238 -24.49 -13.63 -6.12
C PHE B 238 -23.86 -12.88 -4.96
N VAL B 239 -22.97 -11.96 -5.28
CA VAL B 239 -22.64 -10.91 -4.33
C VAL B 239 -23.44 -9.68 -4.76
N LEU B 240 -23.89 -8.90 -3.78
CA LEU B 240 -24.72 -7.74 -4.07
C LEU B 240 -23.79 -6.54 -4.14
N GLU B 241 -23.60 -6.02 -5.35
CA GLU B 241 -22.65 -4.92 -5.57
C GLU B 241 -23.38 -3.58 -5.50
N GLN B 242 -22.85 -2.66 -4.69
CA GLN B 242 -23.40 -1.31 -4.49
C GLN B 242 -24.92 -1.23 -4.64
N PRO B 243 -25.67 -1.98 -3.80
CA PRO B 243 -27.11 -1.99 -4.02
C PRO B 243 -27.75 -0.63 -3.75
N CYS B 244 -27.23 0.07 -2.73
CA CYS B 244 -27.81 1.33 -2.28
C CYS B 244 -26.87 2.49 -2.56
N ASN B 245 -27.41 3.71 -2.53
CA ASN B 245 -26.67 4.90 -2.94
C ASN B 245 -25.51 5.24 -2.01
N THR B 246 -25.77 5.24 -0.72
CA THR B 246 -24.75 5.64 0.26
C THR B 246 -24.19 4.49 1.06
N LEU B 247 -22.97 4.66 1.53
CA LEU B 247 -22.33 3.68 2.40
C LEU B 247 -23.11 3.56 3.71
N GLU B 248 -23.75 4.65 4.14
CA GLU B 248 -24.55 4.60 5.36
C GLU B 248 -25.72 3.62 5.23
N GLU B 249 -26.39 3.64 4.07
CA GLU B 249 -27.48 2.71 3.81
C GLU B 249 -26.98 1.27 3.75
N ILE B 250 -25.84 1.07 3.09
CA ILE B 250 -25.24 -0.27 3.06
C ILE B 250 -24.89 -0.78 4.47
N ALA B 251 -24.29 0.07 5.29
CA ALA B 251 -23.96 -0.32 6.66
C ALA B 251 -25.21 -0.70 7.44
N ALA B 252 -26.32 -0.06 7.12
CA ALA B 252 -27.58 -0.32 7.81
C ALA B 252 -28.27 -1.64 7.41
N ILE B 253 -28.10 -2.10 6.18
CA ILE B 253 -28.76 -3.33 5.73
C ILE B 253 -27.87 -4.57 5.92
N ARG B 254 -26.58 -4.36 6.04
CA ARG B 254 -25.62 -5.48 6.01
C ARG B 254 -25.92 -6.63 6.97
N GLY B 255 -26.34 -6.30 8.19
CA GLY B 255 -26.61 -7.32 9.19
C GLY B 255 -27.81 -8.18 8.85
N ARG B 256 -28.64 -7.69 7.94
CA ARG B 256 -29.88 -8.37 7.58
C ARG B 256 -29.80 -9.00 6.19
N VAL B 257 -28.61 -8.95 5.58
CA VAL B 257 -28.42 -9.47 4.23
C VAL B 257 -27.43 -10.64 4.26
N GLN B 258 -27.86 -11.81 3.82
CA GLN B 258 -27.04 -13.01 3.90
C GLN B 258 -26.12 -13.24 2.71
N HIS B 259 -26.26 -12.42 1.66
CA HIS B 259 -25.31 -12.47 0.55
C HIS B 259 -24.18 -11.50 0.81
N GLY B 260 -22.99 -11.84 0.34
CA GLY B 260 -21.88 -10.90 0.41
C GLY B 260 -22.25 -9.58 -0.26
N ILE B 261 -21.76 -8.48 0.30
CA ILE B 261 -21.99 -7.14 -0.27
C ILE B 261 -20.66 -6.53 -0.70
N TYR B 262 -20.58 -6.06 -1.94
CA TYR B 262 -19.37 -5.38 -2.42
C TYR B 262 -19.63 -3.87 -2.58
N LEU B 263 -18.62 -3.05 -2.30
CA LEU B 263 -18.72 -1.63 -2.61
C LEU B 263 -18.13 -1.35 -4.00
N ASP B 264 -18.70 -0.37 -4.70
CA ASP B 264 -18.12 0.12 -5.94
C ASP B 264 -18.07 1.64 -5.82
N GLU B 265 -19.14 2.33 -6.23
CA GLU B 265 -19.17 3.78 -6.19
C GLU B 265 -18.79 4.37 -4.83
N SER B 266 -19.13 3.69 -3.73
CA SER B 266 -18.80 4.22 -2.41
C SER B 266 -17.30 4.25 -2.09
N GLY B 267 -16.53 3.39 -2.74
CA GLY B 267 -15.10 3.33 -2.49
C GLY B 267 -14.37 4.46 -3.19
N GLU B 268 -14.53 5.68 -2.69
CA GLU B 268 -14.04 6.86 -3.41
C GLU B 268 -12.58 7.25 -3.11
N ASP B 269 -12.02 6.70 -2.04
CA ASP B 269 -10.62 6.97 -1.67
C ASP B 269 -10.09 5.91 -0.71
N LEU B 270 -8.79 5.95 -0.44
CA LEU B 270 -8.17 4.94 0.42
C LEU B 270 -8.70 5.00 1.85
N SER B 271 -8.94 6.21 2.35
CA SER B 271 -9.55 6.37 3.68
C SER B 271 -10.88 5.61 3.81
N THR B 272 -11.72 5.70 2.78
CA THR B 272 -13.00 5.00 2.80
C THR B 272 -12.82 3.48 2.77
N VAL B 273 -11.83 3.02 1.99
CA VAL B 273 -11.51 1.60 1.94
C VAL B 273 -11.04 1.10 3.31
N ILE B 274 -10.23 1.92 3.99
CA ILE B 274 -9.77 1.60 5.34
C ILE B 274 -10.93 1.50 6.34
N ARG B 275 -11.86 2.44 6.26
CA ARG B 275 -13.08 2.37 7.06
C ARG B 275 -13.86 1.09 6.78
N ALA B 276 -14.06 0.79 5.50
CA ALA B 276 -14.87 -0.37 5.15
C ALA B 276 -14.20 -1.68 5.55
N ALA B 277 -12.89 -1.79 5.33
CA ALA B 277 -12.17 -3.00 5.71
C ALA B 277 -12.07 -3.14 7.23
N GLY B 278 -11.68 -2.06 7.89
CA GLY B 278 -11.45 -2.07 9.33
C GLY B 278 -12.71 -2.29 10.15
N GLN B 279 -13.85 -1.86 9.62
CA GLN B 279 -15.12 -1.99 10.35
C GLN B 279 -16.00 -3.13 9.85
N GLY B 280 -15.51 -3.87 8.87
CA GLY B 280 -16.23 -5.00 8.31
C GLY B 280 -17.53 -4.62 7.63
N LEU B 281 -17.50 -3.57 6.81
CA LEU B 281 -18.71 -3.03 6.20
C LEU B 281 -19.02 -3.68 4.87
N CYS B 282 -18.07 -4.41 4.30
CA CYS B 282 -18.32 -5.09 3.03
C CYS B 282 -17.49 -6.35 2.91
N ASP B 283 -17.77 -7.14 1.88
CA ASP B 283 -17.08 -8.40 1.67
C ASP B 283 -16.18 -8.38 0.44
N GLY B 284 -16.07 -7.22 -0.20
CA GLY B 284 -15.26 -7.11 -1.41
C GLY B 284 -15.50 -5.81 -2.14
N PHE B 285 -14.85 -5.61 -3.28
CA PHE B 285 -14.96 -4.35 -4.00
C PHE B 285 -15.00 -4.55 -5.49
N GLY B 286 -15.77 -3.69 -6.15
CA GLY B 286 -15.53 -3.41 -7.55
C GLY B 286 -14.82 -2.07 -7.56
N MET B 287 -13.52 -2.06 -7.85
CA MET B 287 -12.73 -0.82 -7.66
C MET B 287 -12.24 -0.26 -9.00
N LYS B 288 -12.45 1.03 -9.20
CA LYS B 288 -12.04 1.70 -10.42
C LYS B 288 -10.76 2.50 -10.20
N LEU B 289 -9.82 2.33 -11.11
CA LEU B 289 -8.49 2.95 -11.01
C LEU B 289 -8.59 4.48 -10.94
N THR B 290 -9.32 5.09 -11.86
CA THR B 290 -9.45 6.55 -11.84
C THR B 290 -10.11 7.09 -10.56
N ARG B 291 -11.11 6.39 -10.02
CA ARG B 291 -11.77 6.84 -8.81
C ARG B 291 -10.82 6.89 -7.62
N ILE B 292 -9.97 5.88 -7.48
CA ILE B 292 -9.10 5.79 -6.32
C ILE B 292 -7.90 6.73 -6.45
N GLY B 293 -7.66 7.21 -7.68
CA GLY B 293 -6.66 8.24 -7.89
C GLY B 293 -5.42 7.81 -8.65
N GLY B 294 -5.42 6.57 -9.15
CA GLY B 294 -4.29 6.10 -9.92
C GLY B 294 -3.63 4.85 -9.36
N LEU B 295 -2.52 4.45 -9.97
CA LEU B 295 -1.86 3.21 -9.62
C LEU B 295 -1.16 3.23 -8.26
N GLN B 296 -0.63 4.39 -7.85
CA GLN B 296 0.06 4.46 -6.55
C GLN B 296 -0.95 4.10 -5.43
N GLN B 297 -2.14 4.64 -5.55
CA GLN B 297 -3.16 4.40 -4.53
C GLN B 297 -3.81 3.04 -4.72
N MET B 298 -3.96 2.62 -5.97
CA MET B 298 -4.58 1.33 -6.26
C MET B 298 -3.74 0.19 -5.71
N ALA B 299 -2.42 0.34 -5.79
CA ALA B 299 -1.52 -0.68 -5.23
C ALA B 299 -1.69 -0.80 -3.72
N ALA B 300 -1.85 0.33 -3.03
CA ALA B 300 -2.09 0.29 -1.60
C ALA B 300 -3.43 -0.37 -1.32
N PHE B 301 -4.42 -0.04 -2.15
CA PHE B 301 -5.75 -0.65 -2.04
C PHE B 301 -5.61 -2.17 -2.16
N ARG B 302 -4.83 -2.60 -3.15
CA ARG B 302 -4.62 -4.03 -3.36
C ARG B 302 -4.03 -4.69 -2.12
N ASP B 303 -3.04 -4.04 -1.50
CA ASP B 303 -2.39 -4.57 -0.32
C ASP B 303 -3.34 -4.66 0.87
N ILE B 304 -4.23 -3.66 1.02
CA ILE B 304 -5.23 -3.72 2.08
C ILE B 304 -6.17 -4.92 1.91
N CYS B 305 -6.69 -5.09 0.69
CA CYS B 305 -7.58 -6.21 0.39
C CYS B 305 -6.91 -7.55 0.62
N GLU B 306 -5.64 -7.66 0.25
CA GLU B 306 -4.95 -8.93 0.40
C GLU B 306 -4.79 -9.28 1.88
N ALA B 307 -4.57 -8.27 2.72
CA ALA B 307 -4.37 -8.52 4.14
C ALA B 307 -5.65 -9.03 4.80
N ARG B 308 -6.80 -8.68 4.21
CA ARG B 308 -8.09 -9.01 4.79
C ARG B 308 -8.89 -10.01 3.95
N ALA B 309 -8.26 -10.62 2.95
CA ALA B 309 -8.91 -11.59 2.08
C ALA B 309 -10.21 -11.04 1.48
N LEU B 310 -10.16 -9.81 0.98
CA LEU B 310 -11.33 -9.18 0.37
C LEU B 310 -11.18 -9.20 -1.15
N PRO B 311 -11.93 -10.08 -1.84
CA PRO B 311 -11.81 -10.15 -3.30
C PRO B 311 -12.23 -8.84 -3.96
N HIS B 312 -11.59 -8.51 -5.07
CA HIS B 312 -11.93 -7.29 -5.79
C HIS B 312 -11.57 -7.38 -7.25
N SER B 313 -12.21 -6.53 -8.05
CA SER B 313 -11.83 -6.37 -9.45
C SER B 313 -10.91 -5.16 -9.58
N CYS B 314 -10.28 -5.02 -10.74
CA CYS B 314 -9.51 -3.83 -11.08
C CYS B 314 -10.08 -3.33 -12.39
N ASP B 315 -10.94 -2.32 -12.31
CA ASP B 315 -11.75 -1.89 -13.44
C ASP B 315 -11.53 -0.43 -13.72
N ASP B 316 -12.19 0.07 -14.76
CA ASP B 316 -12.48 1.49 -14.79
C ASP B 316 -13.88 1.75 -15.32
N ALA B 317 -14.23 3.03 -15.44
CA ALA B 317 -15.56 3.41 -15.90
C ALA B 317 -15.77 3.08 -17.38
N TRP B 318 -14.72 3.32 -18.17
CA TRP B 318 -14.72 3.16 -19.62
C TRP B 318 -13.34 3.57 -20.10
N GLY B 319 -13.10 3.48 -21.40
CA GLY B 319 -11.86 3.95 -21.98
C GLY B 319 -11.14 2.89 -22.81
N GLY B 320 -10.21 3.33 -23.66
CA GLY B 320 -9.50 2.43 -24.54
C GLY B 320 -8.21 1.82 -24.00
N ASP B 321 -7.26 1.58 -24.90
CA ASP B 321 -6.06 0.81 -24.57
C ASP B 321 -5.24 1.32 -23.39
N ILE B 322 -5.17 2.64 -23.22
CA ILE B 322 -4.30 3.19 -22.19
C ILE B 322 -4.83 2.88 -20.78
N ILE B 323 -6.05 3.28 -20.50
CA ILE B 323 -6.61 2.96 -19.19
C ILE B 323 -6.78 1.45 -19.03
N ALA B 324 -7.15 0.75 -20.12
CA ALA B 324 -7.33 -0.69 -20.02
C ALA B 324 -6.05 -1.42 -19.65
N ALA B 325 -4.93 -0.97 -20.21
CA ALA B 325 -3.64 -1.57 -19.91
C ALA B 325 -3.24 -1.29 -18.47
N ALA B 326 -3.51 -0.07 -18.00
CA ALA B 326 -3.23 0.25 -16.60
C ALA B 326 -4.01 -0.68 -15.65
N CYS B 327 -5.28 -0.90 -15.96
CA CYS B 327 -6.10 -1.82 -15.17
C CYS B 327 -5.56 -3.25 -15.23
N THR B 328 -5.10 -3.65 -16.41
CA THR B 328 -4.63 -5.02 -16.58
C THR B 328 -3.32 -5.21 -15.82
N HIS B 329 -2.44 -4.21 -15.87
CA HIS B 329 -1.19 -4.30 -15.12
C HIS B 329 -1.38 -4.45 -13.61
N ILE B 330 -2.22 -3.61 -12.99
CA ILE B 330 -2.47 -3.79 -11.55
C ILE B 330 -3.18 -5.13 -11.27
N GLY B 331 -4.11 -5.50 -12.15
CA GLY B 331 -4.83 -6.75 -12.00
C GLY B 331 -3.90 -7.95 -12.08
N ALA B 332 -2.82 -7.83 -12.85
CA ALA B 332 -1.83 -8.90 -12.96
C ALA B 332 -1.02 -9.11 -11.70
N THR B 333 -1.09 -8.15 -10.77
CA THR B 333 -0.36 -8.30 -9.50
C THR B 333 -1.20 -8.91 -8.39
N VAL B 334 -2.50 -9.08 -8.63
CA VAL B 334 -3.44 -9.51 -7.59
C VAL B 334 -3.31 -11.02 -7.33
N GLN B 335 -3.37 -11.41 -6.06
CA GLN B 335 -3.36 -12.83 -5.72
C GLN B 335 -4.53 -13.47 -6.45
N PRO B 336 -4.26 -14.51 -7.24
CA PRO B 336 -5.31 -15.06 -8.10
C PRO B 336 -6.62 -15.41 -7.41
N ARG B 337 -6.57 -15.92 -6.18
CA ARG B 337 -7.80 -16.32 -5.50
C ARG B 337 -8.68 -15.12 -5.12
N LEU B 338 -8.09 -13.92 -5.16
CA LEU B 338 -8.84 -12.71 -4.79
C LEU B 338 -9.24 -11.91 -6.03
N ASN B 339 -8.82 -12.35 -7.20
CA ASN B 339 -8.99 -11.55 -8.41
C ASN B 339 -10.37 -11.77 -9.04
N GLU B 340 -11.26 -10.80 -8.86
CA GLU B 340 -12.61 -10.88 -9.42
C GLU B 340 -12.65 -10.41 -10.87
N GLY B 341 -11.49 -10.06 -11.42
CA GLY B 341 -11.37 -9.80 -12.84
C GLY B 341 -11.01 -8.37 -13.17
N VAL B 342 -10.62 -8.15 -14.42
CA VAL B 342 -10.37 -6.81 -14.94
C VAL B 342 -11.43 -6.51 -16.00
N TRP B 343 -12.29 -5.53 -15.75
CA TRP B 343 -13.30 -5.13 -16.74
C TRP B 343 -12.75 -4.05 -17.66
N VAL B 344 -12.98 -4.21 -18.96
CA VAL B 344 -12.55 -3.22 -19.94
C VAL B 344 -13.65 -2.94 -20.97
N ALA B 345 -13.63 -1.75 -21.54
CA ALA B 345 -14.64 -1.35 -22.51
C ALA B 345 -14.34 -1.82 -23.93
N GLN B 346 -13.21 -2.50 -24.13
CA GLN B 346 -12.78 -2.98 -25.46
C GLN B 346 -13.86 -3.58 -26.36
N PRO B 347 -14.73 -4.45 -25.83
CA PRO B 347 -15.78 -5.01 -26.71
C PRO B 347 -16.73 -3.97 -27.27
N TYR B 348 -16.77 -2.79 -26.67
CA TYR B 348 -17.69 -1.74 -27.15
C TYR B 348 -16.98 -0.61 -27.89
N ILE B 349 -15.71 -0.82 -28.22
CA ILE B 349 -14.88 0.21 -28.86
C ILE B 349 -14.42 -0.28 -30.22
N ALA B 350 -14.82 0.42 -31.28
CA ALA B 350 -14.50 -0.02 -32.64
C ALA B 350 -13.01 0.08 -32.96
N GLN B 351 -12.39 1.20 -32.59
CA GLN B 351 -11.01 1.48 -32.99
C GLN B 351 -9.99 1.48 -31.84
N PRO B 352 -9.10 0.49 -31.82
CA PRO B 352 -8.02 0.44 -30.80
C PRO B 352 -7.00 1.55 -31.03
N TYR B 353 -6.34 1.98 -29.97
CA TYR B 353 -5.25 2.95 -30.11
C TYR B 353 -3.99 2.26 -30.61
N ASP B 354 -3.86 0.97 -30.28
CA ASP B 354 -2.67 0.19 -30.60
C ASP B 354 -3.10 -1.15 -31.19
N GLU B 355 -3.03 -1.28 -32.51
CA GLU B 355 -3.50 -2.51 -33.15
C GLU B 355 -2.55 -3.70 -33.00
N GLU B 356 -1.30 -3.43 -32.65
CA GLU B 356 -0.31 -4.49 -32.49
C GLU B 356 -0.26 -5.03 -31.06
N ASN B 357 -0.46 -4.15 -30.07
CA ASN B 357 -0.32 -4.58 -28.67
C ASN B 357 -1.47 -4.20 -27.75
N GLY B 358 -2.52 -3.60 -28.30
CA GLY B 358 -3.65 -3.15 -27.50
C GLY B 358 -4.38 -4.25 -26.74
N ILE B 359 -5.07 -3.86 -25.67
CA ILE B 359 -5.77 -4.79 -24.80
C ILE B 359 -6.99 -5.38 -25.49
N ARG B 360 -7.06 -6.72 -25.54
CA ARG B 360 -8.19 -7.43 -26.14
C ARG B 360 -8.65 -8.54 -25.22
N ILE B 361 -9.96 -8.73 -25.12
CA ILE B 361 -10.48 -9.88 -24.40
C ILE B 361 -10.46 -11.09 -25.33
N ALA B 362 -9.94 -12.20 -24.81
CA ALA B 362 -9.92 -13.46 -25.54
C ALA B 362 -10.32 -14.57 -24.58
N GLY B 363 -11.43 -15.25 -24.88
CA GLY B 363 -11.93 -16.30 -24.01
C GLY B 363 -12.27 -15.82 -22.61
N GLY B 364 -12.81 -14.61 -22.50
CA GLY B 364 -13.22 -14.09 -21.21
C GLY B 364 -12.07 -13.72 -20.29
N HIS B 365 -10.86 -13.67 -20.85
CA HIS B 365 -9.65 -13.32 -20.11
C HIS B 365 -8.86 -12.25 -20.89
N ILE B 366 -7.85 -11.67 -20.24
CA ILE B 366 -7.00 -10.65 -20.86
C ILE B 366 -5.52 -11.00 -20.69
N ASP B 367 -4.79 -11.09 -21.81
CA ASP B 367 -3.36 -11.37 -21.78
C ASP B 367 -2.64 -10.04 -21.50
N LEU B 368 -1.71 -10.04 -20.54
CA LEU B 368 -0.96 -8.83 -20.20
C LEU B 368 0.01 -8.49 -21.34
N PRO B 369 0.08 -7.22 -21.73
CA PRO B 369 1.07 -6.87 -22.77
C PRO B 369 2.49 -7.20 -22.29
N LYS B 370 3.39 -7.49 -23.22
CA LYS B 370 4.71 -8.01 -22.84
C LYS B 370 5.83 -6.95 -22.83
N GLY B 371 5.56 -5.79 -23.42
CA GLY B 371 6.55 -4.73 -23.53
C GLY B 371 6.73 -3.87 -22.29
N PRO B 372 7.75 -3.00 -22.31
CA PRO B 372 8.03 -2.13 -21.15
C PRO B 372 6.93 -1.07 -20.94
N GLY B 373 6.85 -0.55 -19.71
CA GLY B 373 5.78 0.37 -19.35
C GLY B 373 4.44 -0.33 -19.40
N LEU B 374 3.42 0.37 -19.91
CA LEU B 374 2.11 -0.23 -20.08
C LEU B 374 2.11 -1.25 -21.21
N GLY B 375 3.15 -1.20 -22.04
CA GLY B 375 3.24 -2.10 -23.18
C GLY B 375 2.39 -1.64 -24.35
N ILE B 376 1.94 -0.39 -24.29
CA ILE B 376 1.04 0.19 -25.29
C ILE B 376 1.68 1.38 -25.98
N THR B 377 1.68 1.36 -27.31
CA THR B 377 2.13 2.49 -28.11
C THR B 377 0.94 3.04 -28.90
N PRO B 378 0.31 4.12 -28.40
CA PRO B 378 -0.90 4.56 -29.08
C PRO B 378 -0.59 5.31 -30.38
N ASP B 379 -1.46 5.12 -31.36
CA ASP B 379 -1.38 5.87 -32.61
C ASP B 379 -1.86 7.29 -32.29
N GLU B 380 -0.92 8.15 -31.92
CA GLU B 380 -1.22 9.50 -31.42
C GLU B 380 -2.01 10.32 -32.42
N SER B 381 -1.84 10.00 -33.70
CA SER B 381 -2.54 10.68 -34.78
C SER B 381 -4.05 10.67 -34.55
N LEU B 382 -4.58 9.55 -34.06
CA LEU B 382 -6.01 9.38 -33.83
C LEU B 382 -6.66 10.46 -32.96
N PHE B 383 -5.89 11.02 -32.04
CA PHE B 383 -6.46 11.86 -30.99
C PHE B 383 -6.75 13.28 -31.44
N GLY B 384 -6.04 13.74 -32.47
CA GLY B 384 -6.19 15.10 -32.95
C GLY B 384 -5.15 15.95 -32.26
N PRO B 385 -5.07 17.25 -32.59
CA PRO B 385 -4.12 18.06 -31.85
C PRO B 385 -4.57 18.17 -30.41
N PRO B 386 -3.63 18.35 -29.47
CA PRO B 386 -3.98 18.54 -28.06
C PRO B 386 -4.96 19.69 -27.87
N VAL B 387 -5.91 19.55 -26.95
CA VAL B 387 -6.81 20.65 -26.64
C VAL B 387 -6.08 21.65 -25.74
N ALA B 388 -5.02 21.17 -25.11
CA ALA B 388 -4.18 22.03 -24.27
C ALA B 388 -2.76 21.45 -24.17
N SER B 389 -1.76 22.31 -24.28
CA SER B 389 -0.37 21.87 -24.12
C SER B 389 0.32 22.74 -23.08
N PHE B 390 1.27 22.16 -22.35
CA PHE B 390 1.95 22.87 -21.26
C PHE B 390 3.45 22.61 -21.29
N SER B 391 4.24 23.67 -21.13
CA SER B 391 5.70 23.53 -21.06
C SER B 391 6.31 24.66 -20.24
#